data_7EW2
#
_entry.id   7EW2
#
_cell.length_a   1.00
_cell.length_b   1.00
_cell.length_c   1.00
_cell.angle_alpha   90.00
_cell.angle_beta   90.00
_cell.angle_gamma   90.00
#
_symmetry.space_group_name_H-M   'P 1'
#
loop_
_entity.id
_entity.type
_entity.pdbx_description
1 polymer 'Guanine nucleotide-binding protein G(i) subunit alpha-1'
2 polymer 'Guanine nucleotide-binding protein G(I)/G(S)/G(T) subunit beta-1'
3 polymer 'Guanine nucleotide-binding protein G(I)/G(S)/G(O) subunit gamma-2'
4 polymer scFV16
5 polymer 'Sphingosine 1-phosphate receptor 3'
6 non-polymer (2~{S})-2-azanyl-4-(4-octylphenyl)-2-[[oxidanyl-bis(oxidanylidene)-$l^{6}-phosphanyl]oxymethyl]butan-1-ol
#
loop_
_entity_poly.entity_id
_entity_poly.type
_entity_poly.pdbx_seq_one_letter_code
_entity_poly.pdbx_strand_id
1 'polypeptide(L)'
;MGCTLSAEDKAAVERSKMIDRNLREDGEKAAREVKLLLLGAGESGKSTIVKQMKIIHEAGYSEEECKQYKAVVYSNTIQS
IIAIIRAMGRLKIDFGDSARADDARQLFVLAGAAEEGFMTAELAGVIKRLWKDSGVQACFNRSREYQLNDSAAYYLNDLD
RIAQPNYIPTQQDVLRTRVKTTGIVETHFTFKDLHFKMFDVGGQRSERKKWIHCFEGVTAIIFCVALSDYDLVLAEDEEM
NRMHESMKLFDSICNNKWFTDTSIILFLNKKDLFEEKIKKSPLTICYPEYAGSNTYEEAAAYIQCQFEDLNKRKDTKEIY
THFTCATDTKNVQFVFDAVTDVIIKNNLKDCGLF
;
A
2 'polypeptide(L)'
;MHHHHLEVLFQGPGSSGSELDQLRQEAEQLKNQIRDARKACADATLSQITNNIDPVGRIQMRTRRTLRGHLAKIYAMHWG
TDSRLLVSASQDGKLIIWDSYTTNKVHAIPLRSSWVMTCAYAPSGNYVACGGLDNICSIYNLKTREGNVRVSRELAGHTG
YLSCCRFLDDNQIVTSSGDTTCALWDIETGQQTTTFTGHTGDVMSLSLAPDTRLFVSGACDASAKLWDVREGMCRQTFTG
HESDINAICFFPNGNAFATGSDDATCRLFDLRADQELMTYSHDNIICGITSVSFSKSGRLLLAGYDDFNCNVWDALKADR
AGVLAGHDNRVSCLGVTDDGMAVATGSWDSFLKIWN
;
B
3 'polypeptide(L)' MASNNTASIAQARKLVEQLKMEANIDRIKVSKAAADLMAYCEAHAKEDPLLTPVPASENPFREKKFFCAIL C
4 'polypeptide(L)'
;DVQLVESGGGLVQPGGSRKLSCSASGFAFSSFGMHWVRQAPEKGLEWVAYISSGSGTIYYADTVKGRFTISRDDPKNTLF
LQMTSLRSEDTAMYYCVRSIYYYGSSPFDFWGQGTTLTVSSGGGGSGGGGSGGGGSDIVMTQATSSVPVTPGESVSISCR
SSKSLLHSNGNTYLYWFLQRPGQSPQLLIYRMSNLASGVPDRFSGSGSGTAFTLTISRLEAEDVGVYYCMQHLEYPLTFG
AGTKLELKAAAENLYFQGHHHHHHHH
;
S
5 'polypeptide(L)'
;MKTIIALSYIFCLVFADYKDDDDAHHHHHHHHHHMATALPPRLQPVRGNETLREHYQYVGKLAGRLKEASEGSTLTTVLF
LVICSFIVLENLMVLIAIWKNNKFHNRMYFFIGNLALCDLLAGIAYKVNILMSGKKTFSLSPTVWFLREGSMFVALGAST
CSLLAIAIERHLTMIKMRPYDANKRHRVFLLIGMCWLIAFTLGALPILGWNCLHNLPDCSTILPLYSKKYIAFCISIFTA
ILVTIVILYARIYFLVKSSSRKVANHNNSERSMALLRTVVIVVSVFIACWSPLFILFLIDVACRVQACPILFKAQWFIVL
AVLNSAMNPVIYTLASKEMRRAFFRLVCNCLVRGRGARASPIQPALDPSRSKSSSSNNSSHSPKVKEDLPHTAPSSCIMD
KNAALQNGIFCN
;
R
#
loop_
_chem_comp.id
_chem_comp.type
_chem_comp.name
_chem_comp.formula
J89 non-polymer (2~{S})-2-azanyl-4-(4-octylphenyl)-2-[[oxidanyl-bis(oxidanylidene)-$l^{6}-phosphanyl]oxymethyl]butan-1-ol 'C19 H34 N O5 P'
#
# COMPACT_ATOMS: atom_id res chain seq x y z
N GLY A 2 4.54 21.58 -13.97
CA GLY A 2 5.76 21.99 -14.65
C GLY A 2 5.98 23.48 -14.65
N CYS A 3 5.54 24.14 -13.59
CA CYS A 3 5.68 25.60 -13.46
C CYS A 3 7.04 25.97 -12.89
N THR A 4 7.41 25.36 -11.76
CA THR A 4 8.67 25.66 -11.09
C THR A 4 9.70 24.55 -11.25
N LEU A 5 9.28 23.34 -11.62
CA LEU A 5 10.21 22.21 -11.73
C LEU A 5 11.24 22.46 -12.82
N SER A 6 12.43 21.90 -12.62
CA SER A 6 13.54 22.06 -13.54
C SER A 6 13.47 21.01 -14.64
N ALA A 7 14.50 20.98 -15.48
CA ALA A 7 14.58 19.99 -16.55
C ALA A 7 14.85 18.59 -16.05
N GLU A 8 15.34 18.44 -14.82
CA GLU A 8 15.59 17.14 -14.22
C GLU A 8 14.50 16.69 -13.27
N ASP A 9 13.84 17.63 -12.57
CA ASP A 9 12.73 17.27 -11.71
C ASP A 9 11.57 16.68 -12.48
N LYS A 10 11.32 17.18 -13.70
CA LYS A 10 10.25 16.64 -14.53
C LYS A 10 10.51 15.18 -14.88
N ALA A 11 11.76 14.84 -15.21
CA ALA A 11 12.08 13.45 -15.49
C ALA A 11 11.95 12.58 -14.25
N ALA A 12 12.27 13.13 -13.07
CA ALA A 12 12.04 12.39 -11.82
C ALA A 12 10.55 12.12 -11.62
N VAL A 13 9.70 13.11 -11.92
CA VAL A 13 8.26 12.91 -11.82
C VAL A 13 7.79 11.85 -12.81
N GLU A 14 8.34 11.86 -14.02
CA GLU A 14 7.99 10.84 -15.00
C GLU A 14 8.40 9.45 -14.52
N ARG A 15 9.59 9.33 -13.92
CA ARG A 15 10.03 8.06 -13.38
C ARG A 15 9.11 7.60 -12.25
N SER A 16 8.70 8.52 -11.38
CA SER A 16 7.78 8.17 -10.30
C SER A 16 6.44 7.70 -10.85
N LYS A 17 5.94 8.37 -11.89
CA LYS A 17 4.69 7.94 -12.51
C LYS A 17 4.82 6.56 -13.14
N MET A 18 5.97 6.28 -13.78
CA MET A 18 6.20 4.95 -14.34
C MET A 18 6.23 3.89 -13.25
N ILE A 19 6.87 4.19 -12.12
CA ILE A 19 6.90 3.25 -11.01
C ILE A 19 5.49 3.02 -10.46
N ASP A 20 4.70 4.09 -10.35
CA ASP A 20 3.33 3.96 -9.89
C ASP A 20 2.51 3.08 -10.83
N ARG A 21 2.68 3.27 -12.14
CA ARG A 21 1.96 2.45 -13.11
C ARG A 21 2.37 0.98 -12.99
N ASN A 22 3.68 0.73 -12.84
CA ASN A 22 4.15 -0.64 -12.70
C ASN A 22 3.59 -1.28 -11.44
N LEU A 23 3.55 -0.54 -10.33
CA LEU A 23 2.98 -1.07 -9.10
C LEU A 23 1.49 -1.38 -9.26
N ARG A 24 0.76 -0.48 -9.93
CA ARG A 24 -0.68 -0.71 -10.13
C ARG A 24 -0.94 -1.94 -11.00
N GLU A 25 -0.14 -2.11 -12.06
CA GLU A 25 -0.31 -3.31 -12.89
C GLU A 25 0.21 -4.57 -12.22
N ASP A 26 1.07 -4.44 -11.20
CA ASP A 26 1.55 -5.60 -10.47
C ASP A 26 0.68 -5.93 -9.25
N GLY A 27 0.01 -4.93 -8.69
CA GLY A 27 -0.85 -5.11 -7.54
C GLY A 27 -2.25 -5.58 -7.85
N GLU A 28 -2.58 -5.79 -9.12
CA GLU A 28 -3.88 -6.32 -9.52
C GLU A 28 -3.80 -7.70 -10.14
N LYS A 29 -2.62 -8.17 -10.52
CA LYS A 29 -2.44 -9.52 -11.00
C LYS A 29 -2.33 -10.54 -9.87
N ALA A 30 -2.21 -10.08 -8.63
CA ALA A 30 -2.16 -10.94 -7.46
C ALA A 30 -3.38 -10.78 -6.57
N ALA A 31 -4.43 -10.13 -7.09
CA ALA A 31 -5.70 -9.99 -6.37
C ALA A 31 -6.76 -10.93 -6.91
N ARG A 32 -6.36 -11.89 -7.75
CA ARG A 32 -7.26 -12.90 -8.29
C ARG A 32 -6.79 -14.29 -7.92
N GLU A 33 -6.02 -14.40 -6.84
CA GLU A 33 -5.47 -15.67 -6.38
C GLU A 33 -6.01 -15.99 -4.99
N VAL A 34 -6.11 -17.28 -4.70
CA VAL A 34 -6.68 -17.75 -3.44
C VAL A 34 -5.55 -18.12 -2.49
N LYS A 35 -5.63 -17.65 -1.25
CA LYS A 35 -4.61 -17.87 -0.24
C LYS A 35 -5.16 -18.87 0.79
N LEU A 36 -4.76 -20.13 0.64
CA LEU A 36 -5.15 -21.19 1.56
C LEU A 36 -4.02 -21.44 2.55
N LEU A 37 -4.32 -21.31 3.84
CA LEU A 37 -3.35 -21.58 4.90
C LEU A 37 -3.53 -23.02 5.35
N LEU A 38 -2.51 -23.85 5.12
CA LEU A 38 -2.56 -25.26 5.44
C LEU A 38 -2.03 -25.51 6.85
N LEU A 39 -2.79 -26.25 7.65
CA LEU A 39 -2.40 -26.62 9.00
C LEU A 39 -2.45 -28.14 9.15
N GLY A 40 -2.19 -28.60 10.36
CA GLY A 40 -2.18 -30.03 10.64
C GLY A 40 -1.52 -30.29 11.99
N ALA A 41 -1.23 -31.57 12.22
CA ALA A 41 -0.59 -31.97 13.48
C ALA A 41 0.07 -33.33 13.28
N GLY A 42 1.38 -33.38 13.49
CA GLY A 42 2.10 -34.65 13.46
C GLY A 42 2.01 -35.34 12.13
N GLU A 43 1.56 -36.60 12.15
CA GLU A 43 1.48 -37.45 10.97
C GLU A 43 0.07 -37.51 10.40
N SER A 44 -0.65 -36.38 10.44
CA SER A 44 -2.02 -36.35 9.91
C SER A 44 -2.06 -36.70 8.43
N GLY A 45 -0.99 -36.37 7.70
CA GLY A 45 -0.96 -36.65 6.28
C GLY A 45 -0.79 -35.41 5.43
N LYS A 46 -0.14 -34.38 6.00
CA LYS A 46 0.04 -33.13 5.27
C LYS A 46 0.88 -33.33 4.02
N SER A 47 1.94 -34.14 4.12
CA SER A 47 2.78 -34.41 2.96
C SER A 47 2.00 -35.14 1.87
N THR A 48 1.22 -36.15 2.25
CA THR A 48 0.41 -36.87 1.27
C THR A 48 -0.62 -35.95 0.63
N ILE A 49 -1.21 -35.05 1.42
CA ILE A 49 -2.23 -34.15 0.89
C ILE A 49 -1.63 -33.13 -0.07
N VAL A 50 -0.48 -32.55 0.28
CA VAL A 50 0.15 -31.61 -0.64
C VAL A 50 0.66 -32.33 -1.89
N LYS A 51 1.01 -33.61 -1.77
CA LYS A 51 1.31 -34.40 -2.96
C LYS A 51 0.05 -34.65 -3.79
N GLN A 52 -1.11 -34.72 -3.14
CA GLN A 52 -2.35 -34.99 -3.85
C GLN A 52 -2.80 -33.83 -4.73
N MET A 53 -2.34 -32.61 -4.45
CA MET A 53 -2.69 -31.44 -5.26
C MET A 53 -1.44 -30.64 -5.59
N LYS A 54 -0.32 -31.35 -5.79
CA LYS A 54 0.94 -30.70 -6.14
C LYS A 54 0.91 -30.25 -7.59
N ILE A 55 1.70 -29.21 -7.88
CA ILE A 55 1.81 -28.68 -9.23
C ILE A 55 2.41 -29.72 -10.17
N GLY A 183 11.30 -22.65 6.69
CA GLY A 183 10.40 -21.66 7.21
C GLY A 183 8.97 -21.81 6.72
N ILE A 184 8.72 -21.36 5.50
CA ILE A 184 7.40 -21.45 4.88
C ILE A 184 7.55 -22.04 3.49
N VAL A 185 6.73 -23.03 3.17
CA VAL A 185 6.75 -23.69 1.87
C VAL A 185 5.52 -23.22 1.09
N GLU A 186 5.75 -22.59 -0.06
CA GLU A 186 4.69 -22.04 -0.89
C GLU A 186 4.49 -22.95 -2.09
N THR A 187 3.26 -23.44 -2.27
CA THR A 187 2.90 -24.27 -3.41
C THR A 187 1.87 -23.53 -4.27
N HIS A 188 2.04 -23.58 -5.58
CA HIS A 188 1.17 -22.88 -6.51
C HIS A 188 0.66 -23.86 -7.55
N PHE A 189 -0.66 -23.99 -7.67
CA PHE A 189 -1.27 -24.86 -8.66
C PHE A 189 -2.48 -24.19 -9.27
N THR A 190 -3.05 -24.85 -10.28
CA THR A 190 -4.20 -24.30 -11.01
C THR A 190 -5.28 -25.36 -11.13
N PHE A 191 -6.53 -24.90 -11.19
CA PHE A 191 -7.67 -25.80 -11.36
C PHE A 191 -8.83 -24.99 -11.94
N LYS A 192 -9.18 -25.28 -13.20
CA LYS A 192 -10.33 -24.69 -13.87
C LYS A 192 -10.27 -23.16 -13.83
N ASP A 193 -9.19 -22.63 -14.42
CA ASP A 193 -8.99 -21.19 -14.56
C ASP A 193 -9.04 -20.47 -13.21
N LEU A 194 -8.47 -21.11 -12.18
CA LEU A 194 -8.36 -20.52 -10.86
C LEU A 194 -7.03 -20.94 -10.26
N HIS A 195 -6.23 -19.96 -9.83
CA HIS A 195 -4.90 -20.21 -9.31
C HIS A 195 -4.95 -20.27 -7.79
N PHE A 196 -4.52 -21.40 -7.23
CA PHE A 196 -4.46 -21.60 -5.79
C PHE A 196 -3.03 -21.56 -5.31
N LYS A 197 -2.84 -20.98 -4.12
CA LYS A 197 -1.52 -20.82 -3.52
C LYS A 197 -1.63 -21.18 -2.04
N MET A 198 -0.85 -22.18 -1.63
CA MET A 198 -0.93 -22.77 -0.31
C MET A 198 0.36 -22.55 0.45
N PHE A 199 0.24 -22.26 1.75
CA PHE A 199 1.38 -21.97 2.62
C PHE A 199 1.47 -23.05 3.71
N ASP A 200 2.34 -24.03 3.48
CA ASP A 200 2.65 -25.00 4.53
C ASP A 200 3.66 -24.37 5.49
N VAL A 201 3.30 -24.28 6.77
CA VAL A 201 4.11 -23.58 7.75
C VAL A 201 4.41 -24.51 8.91
N GLY A 202 4.44 -25.82 8.63
CA GLY A 202 4.71 -26.79 9.67
C GLY A 202 6.14 -26.76 10.16
N GLY A 203 7.07 -26.30 9.32
CA GLY A 203 8.47 -26.23 9.71
C GLY A 203 8.88 -24.89 10.27
N GLN A 204 8.10 -24.36 11.21
CA GLN A 204 8.39 -23.07 11.82
C GLN A 204 8.93 -23.20 13.24
N ARG A 205 8.36 -24.10 14.04
CA ARG A 205 8.77 -24.39 15.42
C ARG A 205 8.99 -23.11 16.23
N SER A 206 8.13 -22.12 16.00
CA SER A 206 8.20 -20.85 16.69
C SER A 206 6.85 -20.56 17.35
N GLU A 207 6.87 -19.63 18.31
CA GLU A 207 5.67 -19.22 19.01
C GLU A 207 4.64 -18.67 18.03
N ARG A 208 3.50 -19.36 17.90
CA ARG A 208 2.52 -19.03 16.88
C ARG A 208 1.78 -17.72 17.16
N LYS A 209 1.87 -17.19 18.37
CA LYS A 209 1.19 -15.94 18.70
C LYS A 209 1.96 -14.70 18.26
N LYS A 210 3.07 -14.87 17.54
CA LYS A 210 3.87 -13.75 17.09
C LYS A 210 3.93 -13.61 15.57
N TRP A 211 3.41 -14.58 14.81
CA TRP A 211 3.46 -14.50 13.36
C TRP A 211 2.16 -14.96 12.70
N ILE A 212 1.07 -15.10 13.47
CA ILE A 212 -0.18 -15.59 12.91
C ILE A 212 -1.04 -14.49 12.30
N HIS A 213 -0.82 -13.22 12.68
CA HIS A 213 -1.58 -12.13 12.11
C HIS A 213 -1.23 -11.86 10.65
N CYS A 214 -0.10 -12.39 10.16
CA CYS A 214 0.26 -12.20 8.76
C CYS A 214 -0.68 -12.92 7.81
N PHE A 215 -1.41 -13.93 8.31
CA PHE A 215 -2.35 -14.68 7.49
C PHE A 215 -3.80 -14.28 7.76
N GLU A 216 -4.03 -13.04 8.18
CA GLU A 216 -5.38 -12.60 8.53
C GLU A 216 -6.32 -12.64 7.33
N GLY A 217 -5.81 -12.38 6.14
CA GLY A 217 -6.65 -12.26 4.96
C GLY A 217 -6.77 -13.50 4.11
N VAL A 218 -6.48 -14.67 4.68
CA VAL A 218 -6.57 -15.91 3.92
C VAL A 218 -8.02 -16.22 3.61
N THR A 219 -8.25 -16.82 2.44
CA THR A 219 -9.61 -17.22 2.06
C THR A 219 -10.13 -18.34 2.95
N ALA A 220 -9.44 -19.47 2.97
CA ALA A 220 -9.83 -20.62 3.75
C ALA A 220 -8.63 -21.14 4.54
N ILE A 221 -8.90 -22.08 5.45
CA ILE A 221 -7.87 -22.71 6.28
C ILE A 221 -8.06 -24.21 6.16
N ILE A 222 -7.23 -24.86 5.33
CA ILE A 222 -7.27 -26.30 5.23
C ILE A 222 -6.73 -26.91 6.52
N PHE A 223 -7.45 -27.91 7.05
CA PHE A 223 -7.06 -28.57 8.29
C PHE A 223 -7.06 -30.07 8.04
N CYS A 224 -6.06 -30.75 8.57
CA CYS A 224 -5.83 -32.16 8.29
C CYS A 224 -5.73 -32.95 9.59
N VAL A 225 -6.53 -34.00 9.71
CA VAL A 225 -6.52 -34.89 10.87
C VAL A 225 -6.76 -36.32 10.39
N ALA A 226 -5.99 -37.26 10.91
CA ALA A 226 -6.16 -38.67 10.58
C ALA A 226 -7.07 -39.33 11.60
N LEU A 227 -8.11 -39.99 11.13
CA LEU A 227 -9.09 -40.63 12.01
C LEU A 227 -8.69 -42.06 12.40
N SER A 228 -7.64 -42.61 11.77
CA SER A 228 -7.11 -43.90 12.15
C SER A 228 -5.94 -43.80 13.14
N ASP A 229 -5.92 -42.72 13.92
CA ASP A 229 -4.83 -42.42 14.85
C ASP A 229 -5.42 -42.08 16.22
N TYR A 230 -6.36 -42.90 16.67
CA TYR A 230 -7.05 -42.66 17.93
C TYR A 230 -6.53 -43.50 19.08
N ASP A 231 -5.87 -44.63 18.80
CA ASP A 231 -5.37 -45.51 19.85
C ASP A 231 -3.92 -45.27 20.21
N LEU A 232 -3.16 -44.59 19.36
CA LEU A 232 -1.77 -44.30 19.67
C LEU A 232 -1.67 -43.15 20.66
N VAL A 233 -0.49 -43.01 21.27
CA VAL A 233 -0.25 -41.99 22.27
C VAL A 233 1.04 -41.25 21.91
N LEU A 234 1.15 -40.03 22.42
CA LEU A 234 2.31 -39.20 22.17
C LEU A 234 3.47 -39.61 23.06
N ALA A 235 4.68 -39.29 22.59
CA ALA A 235 5.89 -39.66 23.35
C ALA A 235 6.08 -38.81 24.59
N GLU A 236 5.42 -37.65 24.67
CA GLU A 236 5.59 -36.78 25.84
C GLU A 236 5.00 -37.40 27.09
N ASP A 237 3.79 -37.95 26.99
CA ASP A 237 3.13 -38.58 28.12
C ASP A 237 2.38 -39.81 27.65
N GLU A 238 2.38 -40.85 28.50
CA GLU A 238 1.69 -42.08 28.16
C GLU A 238 0.18 -41.88 28.13
N GLU A 239 -0.37 -41.12 29.08
CA GLU A 239 -1.81 -40.89 29.11
C GLU A 239 -2.27 -40.07 27.92
N MET A 240 -1.49 -39.06 27.54
CA MET A 240 -1.87 -38.17 26.44
C MET A 240 -1.89 -38.93 25.13
N ASN A 241 -3.09 -39.05 24.55
CA ASN A 241 -3.25 -39.70 23.26
C ASN A 241 -3.00 -38.70 22.13
N ARG A 242 -2.99 -39.21 20.90
CA ARG A 242 -2.72 -38.39 19.73
C ARG A 242 -3.99 -37.83 19.09
N MET A 243 -5.16 -38.07 19.68
CA MET A 243 -6.41 -37.54 19.16
C MET A 243 -6.87 -36.28 19.89
N HIS A 244 -6.69 -36.23 21.22
CA HIS A 244 -7.03 -35.02 21.96
C HIS A 244 -6.16 -33.84 21.54
N GLU A 245 -4.92 -34.12 21.13
CA GLU A 245 -4.05 -33.06 20.64
C GLU A 245 -4.63 -32.39 19.40
N SER A 246 -5.15 -33.20 18.47
CA SER A 246 -5.78 -32.64 17.27
C SER A 246 -7.01 -31.80 17.63
N MET A 247 -7.81 -32.28 18.59
CA MET A 247 -8.98 -31.52 19.01
C MET A 247 -8.59 -30.20 19.65
N LYS A 248 -7.54 -30.21 20.48
CA LYS A 248 -7.07 -28.97 21.09
C LYS A 248 -6.57 -27.99 20.04
N LEU A 249 -5.82 -28.49 19.05
CA LEU A 249 -5.34 -27.62 17.97
C LEU A 249 -6.51 -27.04 17.17
N PHE A 250 -7.52 -27.87 16.87
CA PHE A 250 -8.68 -27.37 16.15
C PHE A 250 -9.42 -26.32 16.96
N ASP A 251 -9.54 -26.52 18.27
CA ASP A 251 -10.18 -25.51 19.12
C ASP A 251 -9.38 -24.21 19.13
N SER A 252 -8.04 -24.33 19.12
CA SER A 252 -7.19 -23.14 19.09
C SER A 252 -7.20 -22.44 17.73
N ILE A 253 -7.55 -23.15 16.67
CA ILE A 253 -7.61 -22.55 15.34
C ILE A 253 -9.01 -22.09 14.95
N CYS A 254 -10.05 -22.78 15.42
CA CYS A 254 -11.43 -22.43 15.07
C CYS A 254 -11.97 -21.30 15.94
N ASN A 255 -11.20 -20.83 16.93
CA ASN A 255 -11.63 -19.74 17.79
C ASN A 255 -10.58 -18.64 17.86
N ASN A 256 -9.86 -18.41 16.76
CA ASN A 256 -8.82 -17.39 16.71
C ASN A 256 -9.44 -16.03 16.41
N LYS A 257 -8.90 -15.00 17.07
CA LYS A 257 -9.42 -13.64 16.88
C LYS A 257 -9.17 -13.14 15.47
N TRP A 258 -8.14 -13.64 14.80
CA TRP A 258 -7.83 -13.22 13.44
C TRP A 258 -8.63 -13.99 12.38
N PHE A 259 -9.35 -15.03 12.77
CA PHE A 259 -10.11 -15.86 11.83
C PHE A 259 -11.55 -15.99 12.29
N THR A 260 -12.17 -14.86 12.68
CA THR A 260 -13.55 -14.88 13.12
C THR A 260 -14.49 -15.31 12.00
N ASP A 261 -14.27 -14.79 10.79
CA ASP A 261 -15.13 -15.07 9.65
C ASP A 261 -14.39 -15.83 8.55
N THR A 262 -13.35 -16.56 8.93
CA THR A 262 -12.56 -17.35 7.98
C THR A 262 -13.03 -18.80 8.00
N SER A 263 -13.38 -19.32 6.83
CA SER A 263 -13.88 -20.68 6.74
C SER A 263 -12.77 -21.68 6.99
N ILE A 264 -13.17 -22.92 7.29
CA ILE A 264 -12.24 -24.01 7.55
C ILE A 264 -12.65 -25.19 6.68
N ILE A 265 -11.66 -25.98 6.26
CA ILE A 265 -11.88 -27.16 5.41
C ILE A 265 -11.28 -28.34 6.17
N LEU A 266 -12.11 -29.04 6.95
CA LEU A 266 -11.65 -30.16 7.75
C LEU A 266 -11.47 -31.40 6.88
N PHE A 267 -10.41 -32.15 7.16
CA PHE A 267 -10.09 -33.37 6.44
C PHE A 267 -9.91 -34.53 7.41
N LEU A 268 -10.42 -35.69 7.02
CA LEU A 268 -10.15 -36.96 7.71
C LEU A 268 -9.38 -37.85 6.75
N ASN A 269 -8.15 -38.22 7.13
CA ASN A 269 -7.23 -38.90 6.25
C ASN A 269 -6.94 -40.31 6.78
N LYS A 270 -6.57 -41.19 5.86
CA LYS A 270 -6.22 -42.58 6.15
C LYS A 270 -7.39 -43.32 6.80
N LYS A 271 -8.50 -43.38 6.06
CA LYS A 271 -9.68 -44.10 6.52
C LYS A 271 -9.61 -45.59 6.19
N ASP A 272 -8.66 -46.02 5.36
CA ASP A 272 -8.53 -47.43 5.05
C ASP A 272 -8.13 -48.25 6.28
N LEU A 273 -7.18 -47.74 7.06
CA LEU A 273 -6.74 -48.43 8.27
C LEU A 273 -7.72 -48.28 9.43
N PHE A 274 -8.58 -47.27 9.38
CA PHE A 274 -9.51 -47.03 10.48
C PHE A 274 -10.50 -48.19 10.64
N GLU A 275 -11.03 -48.71 9.53
CA GLU A 275 -11.96 -49.82 9.62
C GLU A 275 -11.30 -51.06 10.20
N GLU A 276 -10.07 -51.36 9.78
CA GLU A 276 -9.36 -52.51 10.32
C GLU A 276 -9.05 -52.33 11.80
N LYS A 277 -8.67 -51.12 12.20
CA LYS A 277 -8.38 -50.86 13.60
C LYS A 277 -9.64 -50.85 14.46
N ILE A 278 -10.80 -50.57 13.87
CA ILE A 278 -12.04 -50.51 14.64
C ILE A 278 -12.77 -51.85 14.70
N LYS A 279 -12.56 -52.72 13.71
CA LYS A 279 -13.30 -53.98 13.71
C LYS A 279 -12.80 -54.93 14.80
N LYS A 280 -11.50 -54.91 15.09
CA LYS A 280 -10.98 -55.71 16.20
C LYS A 280 -11.01 -54.94 17.52
N SER A 281 -10.69 -53.65 17.50
CA SER A 281 -10.55 -52.86 18.73
C SER A 281 -11.64 -51.79 18.79
N PRO A 282 -12.52 -51.83 19.77
CA PRO A 282 -13.52 -50.76 19.91
C PRO A 282 -12.86 -49.44 20.32
N LEU A 283 -13.53 -48.34 19.96
CA LEU A 283 -13.02 -47.00 20.23
C LEU A 283 -13.44 -46.48 21.60
N THR A 284 -13.75 -47.36 22.54
CA THR A 284 -14.06 -46.94 23.90
C THR A 284 -12.83 -46.40 24.63
N ILE A 285 -11.63 -46.69 24.13
CA ILE A 285 -10.43 -46.13 24.74
C ILE A 285 -10.40 -44.61 24.59
N CYS A 286 -10.72 -44.11 23.40
CA CYS A 286 -10.70 -42.68 23.14
C CYS A 286 -11.99 -42.00 23.60
N TYR A 287 -13.14 -42.65 23.44
CA TYR A 287 -14.43 -42.11 23.83
C TYR A 287 -15.16 -43.12 24.71
N PRO A 288 -14.79 -43.19 26.00
CA PRO A 288 -15.49 -44.11 26.90
C PRO A 288 -16.97 -43.79 27.06
N GLU A 289 -17.38 -42.54 26.89
CA GLU A 289 -18.77 -42.14 27.02
C GLU A 289 -19.55 -42.27 25.71
N TYR A 290 -19.08 -43.10 24.79
CA TYR A 290 -19.74 -43.29 23.50
C TYR A 290 -20.39 -44.67 23.49
N ALA A 291 -21.70 -44.69 23.26
CA ALA A 291 -22.48 -45.92 23.20
C ALA A 291 -22.91 -46.14 21.75
N GLY A 292 -22.14 -46.97 21.04
CA GLY A 292 -22.44 -47.25 19.65
C GLY A 292 -22.45 -48.72 19.31
N SER A 293 -22.49 -49.05 18.02
CA SER A 293 -22.51 -50.43 17.54
C SER A 293 -21.13 -50.93 17.15
N ASN A 294 -20.08 -50.17 17.45
CA ASN A 294 -18.71 -50.53 17.09
C ASN A 294 -18.55 -50.73 15.59
N THR A 295 -19.23 -49.89 14.80
CA THR A 295 -19.16 -49.94 13.35
C THR A 295 -18.45 -48.70 12.82
N TYR A 296 -18.13 -48.74 11.53
CA TYR A 296 -17.41 -47.64 10.90
C TYR A 296 -18.26 -46.38 10.82
N GLU A 297 -19.52 -46.53 10.39
CA GLU A 297 -20.37 -45.36 10.14
C GLU A 297 -20.66 -44.60 11.43
N GLU A 298 -21.07 -45.31 12.48
CA GLU A 298 -21.41 -44.65 13.73
C GLU A 298 -20.20 -43.99 14.36
N ALA A 299 -19.05 -44.68 14.36
CA ALA A 299 -17.84 -44.09 14.91
C ALA A 299 -17.40 -42.86 14.13
N ALA A 300 -17.47 -42.92 12.80
CA ALA A 300 -17.11 -41.76 11.99
C ALA A 300 -18.05 -40.59 12.25
N ALA A 301 -19.35 -40.86 12.36
CA ALA A 301 -20.30 -39.79 12.65
C ALA A 301 -20.05 -39.18 14.01
N TYR A 302 -19.74 -40.01 15.01
CA TYR A 302 -19.44 -39.49 16.35
C TYR A 302 -18.19 -38.64 16.33
N ILE A 303 -17.15 -39.09 15.64
CA ILE A 303 -15.91 -38.30 15.54
C ILE A 303 -16.19 -36.97 14.85
N GLN A 304 -16.95 -37.00 13.75
CA GLN A 304 -17.25 -35.77 13.01
C GLN A 304 -18.05 -34.78 13.87
N CYS A 305 -19.07 -35.27 14.58
CA CYS A 305 -19.87 -34.35 15.38
C CYS A 305 -19.07 -33.81 16.56
N GLN A 306 -18.22 -34.64 17.17
CA GLN A 306 -17.37 -34.16 18.25
C GLN A 306 -16.40 -33.10 17.75
N PHE A 307 -15.83 -33.29 16.56
CA PHE A 307 -14.92 -32.30 16.00
C PHE A 307 -15.65 -31.00 15.65
N GLU A 308 -16.88 -31.10 15.11
CA GLU A 308 -17.62 -29.92 14.70
C GLU A 308 -18.25 -29.19 15.89
N ASP A 309 -18.41 -29.85 17.03
CA ASP A 309 -18.96 -29.18 18.20
C ASP A 309 -17.97 -28.18 18.81
N LEU A 310 -16.69 -28.28 18.46
CA LEU A 310 -15.71 -27.33 18.96
C LEU A 310 -15.94 -25.93 18.42
N ASN A 311 -16.66 -25.80 17.30
CA ASN A 311 -16.98 -24.48 16.77
C ASN A 311 -17.84 -23.71 17.75
N LYS A 312 -17.50 -22.43 17.95
CA LYS A 312 -18.20 -21.58 18.90
C LYS A 312 -19.02 -20.48 18.25
N ARG A 313 -18.84 -20.25 16.95
CA ARG A 313 -19.55 -19.17 16.27
C ARG A 313 -20.87 -19.65 15.65
N LYS A 314 -20.77 -20.62 14.73
CA LYS A 314 -21.89 -21.25 14.04
C LYS A 314 -22.66 -20.31 13.12
N ASP A 315 -22.31 -19.03 13.08
CA ASP A 315 -23.00 -18.06 12.23
C ASP A 315 -22.08 -17.44 11.20
N THR A 316 -20.95 -16.87 11.63
CA THR A 316 -20.03 -16.24 10.69
C THR A 316 -19.14 -17.25 10.00
N LYS A 317 -18.76 -18.32 10.70
CA LYS A 317 -17.87 -19.34 10.17
C LYS A 317 -18.67 -20.56 9.72
N GLU A 318 -18.14 -21.25 8.72
CA GLU A 318 -18.80 -22.41 8.12
C GLU A 318 -17.76 -23.51 7.94
N ILE A 319 -17.77 -24.49 8.85
CA ILE A 319 -16.81 -25.59 8.81
C ILE A 319 -17.29 -26.62 7.81
N TYR A 320 -16.41 -26.99 6.88
CA TYR A 320 -16.67 -28.07 5.95
C TYR A 320 -16.03 -29.36 6.45
N THR A 321 -16.46 -30.48 5.87
CA THR A 321 -15.95 -31.78 6.27
C THR A 321 -15.86 -32.67 5.05
N HIS A 322 -14.85 -33.56 5.05
CA HIS A 322 -14.62 -34.46 3.93
C HIS A 322 -13.81 -35.65 4.40
N PHE A 323 -13.96 -36.77 3.69
CA PHE A 323 -13.19 -37.98 3.92
C PHE A 323 -12.28 -38.20 2.72
N THR A 324 -10.98 -38.37 2.98
CA THR A 324 -10.02 -38.47 1.90
C THR A 324 -10.29 -39.70 1.03
N CYS A 325 -10.15 -39.51 -0.28
CA CYS A 325 -10.32 -40.59 -1.25
C CYS A 325 -8.96 -40.94 -1.86
N ALA A 326 -8.88 -42.12 -2.46
CA ALA A 326 -7.64 -42.56 -3.09
C ALA A 326 -7.26 -41.64 -4.24
N THR A 327 -8.24 -41.23 -5.04
CA THR A 327 -7.96 -40.36 -6.18
C THR A 327 -7.89 -38.90 -5.73
N ASP A 328 -7.05 -38.12 -6.42
CA ASP A 328 -6.88 -36.71 -6.09
C ASP A 328 -8.08 -35.87 -6.53
N THR A 329 -8.83 -36.34 -7.53
CA THR A 329 -9.87 -35.51 -8.14
C THR A 329 -10.95 -35.15 -7.13
N LYS A 330 -11.34 -36.10 -6.27
CA LYS A 330 -12.40 -35.81 -5.30
C LYS A 330 -11.98 -34.70 -4.35
N ASN A 331 -10.77 -34.79 -3.80
CA ASN A 331 -10.30 -33.77 -2.86
C ASN A 331 -10.14 -32.42 -3.54
N VAL A 332 -9.57 -32.41 -4.76
CA VAL A 332 -9.39 -31.14 -5.46
C VAL A 332 -10.74 -30.50 -5.76
N GLN A 333 -11.72 -31.30 -6.20
CA GLN A 333 -13.04 -30.76 -6.48
C GLN A 333 -13.72 -30.25 -5.21
N PHE A 334 -13.54 -30.95 -4.09
CA PHE A 334 -14.11 -30.49 -2.83
C PHE A 334 -13.52 -29.14 -2.43
N VAL A 335 -12.20 -29.00 -2.53
CA VAL A 335 -11.57 -27.72 -2.20
C VAL A 335 -12.06 -26.63 -3.15
N PHE A 336 -12.21 -26.95 -4.44
CA PHE A 336 -12.70 -25.97 -5.40
C PHE A 336 -14.10 -25.51 -5.05
N ASP A 337 -14.99 -26.45 -4.71
CA ASP A 337 -16.35 -26.08 -4.34
C ASP A 337 -16.38 -25.23 -3.08
N ALA A 338 -15.57 -25.60 -2.07
CA ALA A 338 -15.55 -24.84 -0.83
C ALA A 338 -15.05 -23.41 -1.06
N VAL A 339 -13.97 -23.25 -1.82
CA VAL A 339 -13.45 -21.91 -2.05
C VAL A 339 -14.39 -21.11 -2.94
N THR A 340 -15.10 -21.77 -3.87
CA THR A 340 -16.10 -21.06 -4.67
C THR A 340 -17.23 -20.55 -3.79
N ASP A 341 -17.70 -21.38 -2.85
CA ASP A 341 -18.74 -20.94 -1.93
C ASP A 341 -18.27 -19.76 -1.08
N VAL A 342 -17.03 -19.83 -0.58
CA VAL A 342 -16.50 -18.73 0.23
C VAL A 342 -16.39 -17.45 -0.60
N ILE A 343 -15.94 -17.58 -1.85
CA ILE A 343 -15.78 -16.42 -2.72
C ILE A 343 -17.13 -15.77 -2.99
N ILE A 344 -18.15 -16.60 -3.27
CA ILE A 344 -19.47 -16.06 -3.57
C ILE A 344 -20.09 -15.42 -2.34
N LYS A 345 -19.88 -16.00 -1.16
CA LYS A 345 -20.36 -15.37 0.07
C LYS A 345 -19.69 -14.02 0.29
N ASN A 346 -18.37 -13.95 0.06
CA ASN A 346 -17.66 -12.70 0.21
C ASN A 346 -18.15 -11.65 -0.79
N ASN A 347 -18.45 -12.09 -2.02
CA ASN A 347 -18.98 -11.17 -3.03
C ASN A 347 -20.36 -10.67 -2.65
N LEU A 348 -21.22 -11.55 -2.14
CA LEU A 348 -22.54 -11.14 -1.69
C LEU A 348 -22.47 -10.14 -0.55
N LYS A 349 -21.52 -10.33 0.37
CA LYS A 349 -21.32 -9.34 1.42
C LYS A 349 -20.69 -8.06 0.90
N ASP A 350 -19.91 -8.16 -0.18
CA ASP A 350 -19.18 -7.00 -0.70
C ASP A 350 -20.14 -6.01 -1.33
N CYS A 351 -21.04 -6.48 -2.19
CA CYS A 351 -21.91 -5.60 -2.97
C CYS A 351 -23.16 -5.17 -2.21
N GLY A 352 -23.18 -5.35 -0.89
CA GLY A 352 -24.26 -4.85 -0.07
C GLY A 352 -25.61 -5.51 -0.32
N LEU A 353 -25.60 -6.66 -1.00
CA LEU A 353 -26.84 -7.38 -1.27
C LEU A 353 -27.28 -8.24 -0.09
N PHE A 354 -26.44 -8.38 0.93
CA PHE A 354 -26.78 -9.17 2.11
C PHE A 354 -25.98 -8.71 3.32
N GLY B 17 18.75 -35.69 41.55
CA GLY B 17 20.09 -35.89 42.06
C GLY B 17 20.57 -34.78 42.96
N SER B 18 21.64 -35.05 43.72
CA SER B 18 22.18 -34.03 44.62
C SER B 18 22.88 -32.93 43.84
N GLU B 19 23.56 -33.28 42.75
CA GLU B 19 24.26 -32.28 41.95
C GLU B 19 23.30 -31.28 41.35
N LEU B 20 22.17 -31.76 40.81
CA LEU B 20 21.19 -30.87 40.23
C LEU B 20 20.58 -29.95 41.29
N ASP B 21 20.26 -30.50 42.46
CA ASP B 21 19.68 -29.70 43.53
C ASP B 21 20.66 -28.63 44.00
N GLN B 22 21.93 -28.98 44.18
CA GLN B 22 22.90 -27.99 44.63
C GLN B 22 23.16 -26.94 43.56
N LEU B 23 23.15 -27.33 42.28
CA LEU B 23 23.32 -26.35 41.21
C LEU B 23 22.13 -25.38 41.15
N ARG B 24 20.92 -25.89 41.33
CA ARG B 24 19.74 -25.03 41.36
C ARG B 24 19.79 -24.09 42.57
N GLN B 25 20.23 -24.60 43.73
CA GLN B 25 20.37 -23.74 44.91
C GLN B 25 21.40 -22.64 44.67
N GLU B 26 22.53 -22.99 44.05
CA GLU B 26 23.54 -21.99 43.74
C GLU B 26 23.00 -20.94 42.78
N ALA B 27 22.27 -21.37 41.74
CA ALA B 27 21.69 -20.42 40.81
C ALA B 27 20.70 -19.49 41.51
N GLU B 28 19.88 -20.05 42.40
CA GLU B 28 18.91 -19.23 43.13
C GLU B 28 19.61 -18.21 44.02
N GLN B 29 20.70 -18.61 44.68
CA GLN B 29 21.36 -17.67 45.59
C GLN B 29 22.17 -16.63 44.83
N LEU B 30 22.71 -16.96 43.65
CA LEU B 30 23.24 -15.92 42.78
C LEU B 30 22.15 -14.96 42.32
N LYS B 31 20.97 -15.47 41.99
CA LYS B 31 19.87 -14.58 41.61
C LYS B 31 19.51 -13.65 42.75
N ASN B 32 19.46 -14.18 43.98
CA ASN B 32 19.18 -13.34 45.14
C ASN B 32 20.27 -12.29 45.35
N GLN B 33 21.53 -12.68 45.20
CA GLN B 33 22.63 -11.73 45.36
C GLN B 33 22.56 -10.62 44.31
N ILE B 34 22.24 -10.98 43.06
CA ILE B 34 22.15 -9.99 42.00
C ILE B 34 20.97 -9.05 42.25
N ARG B 35 19.85 -9.59 42.73
CA ARG B 35 18.71 -8.75 43.06
C ARG B 35 19.07 -7.78 44.18
N ASP B 36 19.78 -8.26 45.21
CA ASP B 36 20.20 -7.39 46.29
C ASP B 36 21.15 -6.30 45.79
N ALA B 37 22.08 -6.68 44.91
CA ALA B 37 23.02 -5.70 44.37
C ALA B 37 22.32 -4.63 43.55
N ARG B 38 21.35 -5.02 42.73
CA ARG B 38 20.60 -4.05 41.94
C ARG B 38 19.67 -3.21 42.80
N LYS B 39 19.20 -3.73 43.93
CA LYS B 39 18.36 -2.95 44.83
C LYS B 39 19.17 -1.99 45.68
N ALA B 40 20.44 -2.32 45.96
CA ALA B 40 21.26 -1.47 46.82
C ALA B 40 21.54 -0.12 46.18
N CYS B 41 21.80 -0.10 44.87
CA CYS B 41 22.13 1.14 44.18
C CYS B 41 20.88 1.94 43.77
N ALA B 42 19.69 1.39 43.93
CA ALA B 42 18.45 2.10 43.61
C ALA B 42 18.09 2.98 44.80
N ASP B 43 18.67 4.18 44.82
CA ASP B 43 18.50 5.11 45.92
C ASP B 43 17.49 6.21 45.63
N ALA B 44 17.44 6.71 44.40
CA ALA B 44 16.55 7.80 44.03
C ALA B 44 15.78 7.45 42.78
N THR B 45 14.61 8.07 42.64
CA THR B 45 13.75 7.84 41.49
C THR B 45 13.97 8.91 40.43
N LEU B 46 13.61 8.56 39.19
CA LEU B 46 13.73 9.50 38.08
C LEU B 46 12.69 10.60 38.13
N SER B 47 11.54 10.35 38.78
CA SER B 47 10.49 11.36 38.86
C SER B 47 10.97 12.59 39.62
N GLN B 48 11.69 12.39 40.73
CA GLN B 48 12.12 13.50 41.57
C GLN B 48 13.10 14.43 40.86
N ILE B 49 13.70 13.98 39.76
CA ILE B 49 14.69 14.80 39.07
C ILE B 49 14.06 15.64 37.96
N THR B 50 13.16 15.04 37.18
CA THR B 50 12.57 15.72 36.02
C THR B 50 11.27 16.43 36.34
N ASN B 51 10.75 16.32 37.56
CA ASN B 51 9.49 16.96 37.91
C ASN B 51 9.61 18.46 38.12
N ASN B 52 10.83 19.01 38.17
CA ASN B 52 11.03 20.43 38.38
C ASN B 52 11.21 21.22 37.09
N ILE B 53 11.59 20.55 36.00
CA ILE B 53 11.82 21.26 34.74
C ILE B 53 10.49 21.56 34.07
N ASP B 54 10.54 22.47 33.10
CA ASP B 54 9.34 22.87 32.36
C ASP B 54 8.92 21.76 31.41
N PRO B 55 7.68 21.28 31.49
CA PRO B 55 7.22 20.27 30.53
C PRO B 55 7.13 20.84 29.13
N VAL B 56 7.37 19.97 28.14
CA VAL B 56 7.29 20.38 26.75
C VAL B 56 5.84 20.70 26.40
N GLY B 57 5.67 21.65 25.48
CA GLY B 57 4.34 22.02 25.04
C GLY B 57 3.71 20.93 24.18
N ARG B 58 2.40 21.10 23.93
CA ARG B 58 1.68 20.14 23.11
C ARG B 58 2.28 20.08 21.71
N ILE B 59 2.54 18.86 21.24
CA ILE B 59 3.22 18.64 19.96
C ILE B 59 2.15 18.50 18.89
N GLN B 60 1.93 19.57 18.14
CA GLN B 60 0.98 19.56 17.03
C GLN B 60 1.72 19.28 15.73
N MET B 61 1.53 18.09 15.18
CA MET B 61 2.13 17.71 13.90
C MET B 61 1.02 17.52 12.86
N ARG B 62 1.36 17.86 11.62
CA ARG B 62 0.43 17.72 10.50
C ARG B 62 1.08 16.85 9.42
N THR B 63 0.25 16.14 8.67
CA THR B 63 0.71 15.25 7.63
C THR B 63 1.13 16.08 6.42
N ARG B 64 2.41 16.46 6.39
CA ARG B 64 2.93 17.23 5.27
C ARG B 64 2.83 16.44 3.97
N ARG B 65 3.31 15.20 3.97
CA ARG B 65 3.26 14.34 2.80
C ARG B 65 2.33 13.15 3.06
N THR B 66 2.12 12.35 2.02
CA THR B 66 1.33 11.13 2.14
C THR B 66 1.82 10.19 1.04
N LEU B 67 2.45 9.09 1.45
CA LEU B 67 3.13 8.18 0.51
C LEU B 67 2.22 6.99 0.24
N ARG B 68 1.32 7.15 -0.71
CA ARG B 68 0.45 6.08 -1.16
C ARG B 68 1.09 5.32 -2.30
N GLY B 69 0.68 4.06 -2.47
CA GLY B 69 1.22 3.22 -3.52
C GLY B 69 1.37 1.78 -3.09
N HIS B 70 1.45 1.56 -1.79
CA HIS B 70 1.46 0.20 -1.25
C HIS B 70 0.05 -0.39 -1.31
N LEU B 71 -0.04 -1.68 -1.59
CA LEU B 71 -1.32 -2.37 -1.70
C LEU B 71 -1.42 -3.54 -0.71
N ALA B 72 -0.80 -3.39 0.45
CA ALA B 72 -0.84 -4.40 1.50
C ALA B 72 -0.34 -3.74 2.78
N LYS B 73 -0.32 -4.50 3.87
CA LYS B 73 0.14 -3.98 5.14
C LYS B 73 1.62 -3.61 5.06
N ILE B 74 2.00 -2.61 5.85
CA ILE B 74 3.37 -2.10 5.89
C ILE B 74 3.98 -2.55 7.20
N TYR B 75 5.13 -3.23 7.12
CA TYR B 75 5.69 -3.86 8.32
C TYR B 75 6.99 -3.24 8.81
N ALA B 76 7.72 -2.50 7.99
CA ALA B 76 8.95 -1.90 8.47
C ALA B 76 9.33 -0.71 7.59
N MET B 77 9.91 0.30 8.23
CA MET B 77 10.48 1.44 7.53
C MET B 77 11.77 1.85 8.24
N HIS B 78 12.69 2.46 7.49
CA HIS B 78 13.96 2.91 8.04
C HIS B 78 14.37 4.19 7.34
N TRP B 79 14.59 5.25 8.10
CA TRP B 79 15.03 6.51 7.54
C TRP B 79 16.46 6.39 7.00
N GLY B 80 16.73 7.10 5.90
CA GLY B 80 18.05 7.07 5.31
C GLY B 80 19.06 7.87 6.13
N THR B 81 20.30 7.87 5.64
CA THR B 81 21.38 8.57 6.31
C THR B 81 21.43 10.06 6.00
N ASP B 82 20.91 10.47 4.85
CA ASP B 82 20.84 11.89 4.51
C ASP B 82 19.54 12.55 4.96
N SER B 83 18.67 11.79 5.64
CA SER B 83 17.40 12.29 6.16
C SER B 83 16.49 12.83 5.05
N ARG B 84 16.57 12.23 3.87
CA ARG B 84 15.69 12.62 2.77
C ARG B 84 15.02 11.40 2.16
N LEU B 85 15.67 10.25 2.22
CA LEU B 85 15.15 9.02 1.67
C LEU B 85 14.73 8.07 2.78
N LEU B 86 13.82 7.15 2.44
CA LEU B 86 13.40 6.11 3.35
C LEU B 86 12.97 4.90 2.54
N VAL B 87 12.96 3.75 3.20
CA VAL B 87 12.60 2.48 2.58
C VAL B 87 11.50 1.84 3.39
N SER B 88 10.50 1.29 2.69
CA SER B 88 9.34 0.67 3.32
C SER B 88 9.14 -0.72 2.75
N ALA B 89 8.67 -1.63 3.61
CA ALA B 89 8.46 -3.04 3.28
C ALA B 89 6.98 -3.36 3.41
N SER B 90 6.43 -4.01 2.39
CA SER B 90 5.02 -4.39 2.38
C SER B 90 4.89 -5.89 2.20
N GLN B 91 3.69 -6.40 2.49
CA GLN B 91 3.39 -7.82 2.37
C GLN B 91 3.04 -8.24 0.95
N ASP B 92 2.86 -7.29 0.04
CA ASP B 92 2.71 -7.64 -1.37
C ASP B 92 4.04 -7.94 -2.04
N GLY B 93 5.13 -8.07 -1.29
CA GLY B 93 6.42 -8.36 -1.84
C GLY B 93 7.17 -7.16 -2.39
N LYS B 94 6.94 -5.98 -1.83
CA LYS B 94 7.51 -4.75 -2.38
C LYS B 94 8.38 -4.05 -1.33
N LEU B 95 9.57 -3.67 -1.75
CA LEU B 95 10.45 -2.77 -1.00
C LEU B 95 10.56 -1.47 -1.79
N ILE B 96 10.16 -0.36 -1.19
CA ILE B 96 10.06 0.90 -1.92
C ILE B 96 10.91 1.94 -1.22
N ILE B 97 11.83 2.55 -1.98
CA ILE B 97 12.64 3.66 -1.50
C ILE B 97 12.07 4.94 -2.09
N TRP B 98 11.57 5.81 -1.22
CA TRP B 98 10.91 7.04 -1.61
C TRP B 98 11.87 8.23 -1.59
N ASP B 99 11.37 9.36 -2.10
CA ASP B 99 11.96 10.67 -1.87
C ASP B 99 10.96 11.47 -1.03
N SER B 100 11.32 11.75 0.21
CA SER B 100 10.37 12.33 1.15
C SER B 100 10.05 13.79 0.87
N TYR B 101 10.93 14.49 0.16
CA TYR B 101 10.68 15.91 -0.11
C TYR B 101 9.58 16.11 -1.14
N THR B 102 9.60 15.33 -2.22
CA THR B 102 8.66 15.51 -3.32
C THR B 102 7.79 14.29 -3.59
N THR B 103 7.76 13.32 -2.66
CA THR B 103 6.93 12.12 -2.80
C THR B 103 7.24 11.38 -4.10
N ASN B 104 8.52 11.23 -4.39
CA ASN B 104 8.98 10.52 -5.57
C ASN B 104 9.47 9.12 -5.19
N LYS B 105 9.03 8.12 -5.97
CA LYS B 105 9.46 6.74 -5.76
C LYS B 105 10.81 6.55 -6.42
N VAL B 106 11.87 6.65 -5.62
CA VAL B 106 13.23 6.57 -6.16
C VAL B 106 13.54 5.16 -6.66
N HIS B 107 13.15 4.15 -5.88
CA HIS B 107 13.35 2.77 -6.30
C HIS B 107 12.19 1.89 -5.85
N ALA B 108 11.92 0.84 -6.63
CA ALA B 108 10.95 -0.18 -6.29
C ALA B 108 11.56 -1.55 -6.59
N ILE B 109 11.70 -2.37 -5.56
CA ILE B 109 12.37 -3.66 -5.63
C ILE B 109 11.36 -4.75 -5.33
N PRO B 110 11.15 -5.71 -6.23
CA PRO B 110 10.33 -6.88 -5.90
C PRO B 110 11.14 -7.93 -5.16
N LEU B 111 10.51 -8.55 -4.17
CA LEU B 111 11.16 -9.55 -3.34
C LEU B 111 10.75 -10.95 -3.77
N ARG B 112 11.42 -11.94 -3.19
CA ARG B 112 11.12 -13.35 -3.43
C ARG B 112 10.20 -13.93 -2.37
N SER B 113 10.43 -13.63 -1.10
CA SER B 113 9.57 -14.05 0.00
C SER B 113 8.70 -12.87 0.40
N SER B 114 7.38 -13.01 0.19
CA SER B 114 6.46 -11.91 0.47
C SER B 114 6.22 -11.70 1.96
N TRP B 115 6.69 -12.60 2.82
CA TRP B 115 6.43 -12.52 4.26
C TRP B 115 7.61 -11.87 4.99
N VAL B 116 7.87 -10.61 4.65
CA VAL B 116 8.98 -9.86 5.24
C VAL B 116 8.46 -9.07 6.43
N MET B 117 9.25 -9.05 7.51
CA MET B 117 8.88 -8.35 8.72
C MET B 117 9.88 -7.28 9.14
N THR B 118 10.95 -7.06 8.36
CA THR B 118 11.94 -6.06 8.72
C THR B 118 12.70 -5.62 7.47
N CYS B 119 13.32 -4.45 7.57
CA CYS B 119 14.17 -3.93 6.51
C CYS B 119 15.15 -2.94 7.14
N ALA B 120 16.28 -2.74 6.44
CA ALA B 120 17.32 -1.86 6.95
C ALA B 120 18.04 -1.20 5.79
N TYR B 121 18.56 0.00 6.05
CA TYR B 121 19.26 0.81 5.06
C TYR B 121 20.69 1.02 5.51
N ALA B 122 21.64 0.79 4.62
CA ALA B 122 23.04 0.88 4.98
C ALA B 122 23.41 2.32 5.35
N PRO B 123 24.28 2.52 6.33
CA PRO B 123 24.68 3.90 6.68
C PRO B 123 25.38 4.63 5.55
N SER B 124 26.12 3.92 4.69
CA SER B 124 26.75 4.56 3.55
C SER B 124 25.72 4.92 2.49
N GLY B 125 24.70 4.09 2.31
CA GLY B 125 23.67 4.32 1.33
C GLY B 125 23.73 3.43 0.10
N ASN B 126 24.58 2.40 0.10
CA ASN B 126 24.77 1.55 -1.07
C ASN B 126 23.96 0.27 -1.02
N TYR B 127 23.63 -0.23 0.16
CA TYR B 127 22.98 -1.53 0.32
C TYR B 127 21.70 -1.40 1.15
N VAL B 128 20.80 -2.35 0.93
CA VAL B 128 19.55 -2.46 1.67
C VAL B 128 19.35 -3.92 2.06
N ALA B 129 19.01 -4.17 3.31
CA ALA B 129 18.84 -5.52 3.83
C ALA B 129 17.37 -5.80 4.10
N CYS B 130 16.94 -7.02 3.78
CA CYS B 130 15.55 -7.41 4.01
C CYS B 130 15.45 -8.90 4.25
N GLY B 131 14.48 -9.29 5.06
CA GLY B 131 14.27 -10.70 5.34
C GLY B 131 13.19 -10.89 6.38
N GLY B 132 12.69 -12.12 6.44
CA GLY B 132 11.67 -12.48 7.41
C GLY B 132 10.88 -13.71 7.04
N LEU B 133 10.54 -14.54 8.03
CA LEU B 133 9.70 -15.72 7.87
C LEU B 133 10.22 -16.68 6.80
N ASP B 134 11.51 -16.58 6.47
CA ASP B 134 12.10 -17.45 5.44
C ASP B 134 13.47 -17.95 5.88
N ASN B 135 13.98 -17.51 7.02
CA ASN B 135 15.25 -17.87 7.63
C ASN B 135 16.43 -17.29 6.85
N ILE B 136 16.20 -16.48 5.82
CA ILE B 136 17.26 -15.94 4.97
C ILE B 136 17.18 -14.41 5.00
N CYS B 137 18.34 -13.79 4.95
CA CYS B 137 18.45 -12.32 4.90
C CYS B 137 19.19 -11.94 3.63
N SER B 138 18.57 -11.08 2.81
CA SER B 138 19.10 -10.72 1.52
C SER B 138 19.61 -9.28 1.52
N ILE B 139 20.73 -9.06 0.86
CA ILE B 139 21.34 -7.74 0.70
C ILE B 139 21.20 -7.33 -0.75
N TYR B 140 20.80 -6.07 -0.98
CA TYR B 140 20.56 -5.53 -2.30
C TYR B 140 21.46 -4.34 -2.52
N ASN B 141 22.05 -4.23 -3.71
CA ASN B 141 22.97 -3.17 -4.07
C ASN B 141 22.21 -2.08 -4.82
N LEU B 142 22.32 -0.84 -4.33
CA LEU B 142 21.62 0.28 -4.92
C LEU B 142 22.44 1.00 -5.98
N LYS B 143 23.72 1.21 -5.72
CA LYS B 143 24.62 1.90 -6.65
C LYS B 143 25.27 0.84 -7.53
N THR B 144 24.59 0.50 -8.63
CA THR B 144 25.05 -0.51 -9.56
C THR B 144 25.37 0.13 -10.91
N ARG B 145 26.44 -0.35 -11.54
CA ARG B 145 26.81 0.15 -12.86
C ARG B 145 25.73 -0.12 -13.89
N GLU B 146 24.92 -1.16 -13.68
CA GLU B 146 23.83 -1.49 -14.59
C GLU B 146 22.59 -0.62 -14.38
N GLY B 147 22.53 0.15 -13.29
CA GLY B 147 21.42 1.02 -13.02
C GLY B 147 20.23 0.37 -12.35
N ASN B 148 20.26 -0.94 -12.14
CA ASN B 148 19.17 -1.66 -11.49
C ASN B 148 19.55 -2.00 -10.06
N VAL B 149 18.68 -2.74 -9.38
CA VAL B 149 18.91 -3.22 -8.03
C VAL B 149 18.89 -4.74 -8.04
N ARG B 150 19.96 -5.35 -7.54
CA ARG B 150 20.11 -6.80 -7.53
C ARG B 150 20.59 -7.27 -6.17
N VAL B 151 20.35 -8.55 -5.89
CA VAL B 151 20.75 -9.16 -4.64
C VAL B 151 22.24 -9.51 -4.70
N SER B 152 22.97 -9.14 -3.66
CA SER B 152 24.42 -9.36 -3.63
C SER B 152 24.85 -10.46 -2.68
N ARG B 153 24.08 -10.74 -1.63
CA ARG B 153 24.47 -11.75 -0.66
C ARG B 153 23.25 -12.21 0.12
N GLU B 154 23.08 -13.52 0.23
CA GLU B 154 22.03 -14.13 1.03
C GLU B 154 22.66 -14.86 2.21
N LEU B 155 22.23 -14.53 3.41
CA LEU B 155 22.73 -15.12 4.64
C LEU B 155 21.68 -16.07 5.19
N ALA B 156 22.06 -17.34 5.34
CA ALA B 156 21.19 -18.38 5.88
C ALA B 156 21.92 -19.12 6.99
N GLY B 157 21.13 -19.74 7.87
CA GLY B 157 21.70 -20.45 9.00
C GLY B 157 20.84 -20.35 10.25
N HIS B 158 19.90 -19.42 10.25
CA HIS B 158 18.97 -19.30 11.35
C HIS B 158 17.83 -20.30 11.20
N THR B 159 17.36 -20.83 12.32
CA THR B 159 16.27 -21.80 12.34
C THR B 159 14.93 -21.19 12.72
N GLY B 160 14.85 -19.85 12.84
CA GLY B 160 13.61 -19.20 13.15
C GLY B 160 13.40 -17.97 12.29
N TYR B 161 12.19 -17.44 12.34
CA TYR B 161 11.85 -16.26 11.55
C TYR B 161 12.67 -15.06 12.01
N LEU B 162 13.17 -14.29 11.04
CA LEU B 162 13.96 -13.11 11.34
C LEU B 162 13.07 -12.00 11.87
N SER B 163 13.51 -11.35 12.95
CA SER B 163 12.77 -10.26 13.57
C SER B 163 13.35 -8.88 13.25
N CYS B 164 14.67 -8.74 13.33
CA CYS B 164 15.31 -7.46 13.06
C CYS B 164 16.71 -7.69 12.52
N CYS B 165 17.24 -6.68 11.82
CA CYS B 165 18.58 -6.75 11.27
C CYS B 165 19.10 -5.33 11.09
N ARG B 166 20.34 -5.10 11.51
CA ARG B 166 20.94 -3.77 11.45
C ARG B 166 22.35 -3.85 10.89
N PHE B 167 22.71 -2.84 10.10
CA PHE B 167 24.03 -2.76 9.49
C PHE B 167 25.03 -2.19 10.48
N LEU B 168 26.08 -2.96 10.75
CA LEU B 168 27.16 -2.50 11.62
C LEU B 168 28.15 -1.63 10.85
N ASP B 169 28.59 -2.11 9.69
CA ASP B 169 29.50 -1.36 8.83
C ASP B 169 29.13 -1.68 7.39
N ASP B 170 30.02 -1.33 6.46
CA ASP B 170 29.80 -1.67 5.06
C ASP B 170 29.90 -3.18 4.82
N ASN B 171 30.53 -3.92 5.75
CA ASN B 171 30.72 -5.35 5.59
C ASN B 171 30.38 -6.11 6.87
N GLN B 172 29.43 -5.61 7.66
CA GLN B 172 29.06 -6.24 8.91
C GLN B 172 27.59 -5.96 9.20
N ILE B 173 26.81 -7.01 9.43
CA ILE B 173 25.40 -6.90 9.74
C ILE B 173 25.08 -7.85 10.89
N VAL B 174 24.17 -7.44 11.77
CA VAL B 174 23.75 -8.25 12.91
C VAL B 174 22.25 -8.48 12.82
N THR B 175 21.83 -9.75 12.96
CA THR B 175 20.44 -10.13 12.78
C THR B 175 19.95 -10.94 13.98
N SER B 176 18.72 -10.68 14.39
CA SER B 176 18.03 -11.46 15.41
C SER B 176 16.93 -12.28 14.76
N SER B 177 16.72 -13.48 15.27
CA SER B 177 15.79 -14.43 14.68
C SER B 177 14.86 -14.98 15.75
N GLY B 178 13.83 -15.68 15.30
CA GLY B 178 12.88 -16.31 16.19
C GLY B 178 13.35 -17.58 16.84
N ASP B 179 14.55 -18.04 16.51
CA ASP B 179 15.14 -19.24 17.10
C ASP B 179 15.88 -18.96 18.40
N THR B 180 15.62 -17.81 19.04
CA THR B 180 16.18 -17.36 20.32
C THR B 180 17.66 -17.03 20.22
N THR B 181 18.26 -17.08 19.04
CA THR B 181 19.69 -16.81 18.87
C THR B 181 19.90 -15.69 17.86
N CYS B 182 20.84 -14.81 18.17
CA CYS B 182 21.25 -13.74 17.26
C CYS B 182 22.58 -14.09 16.60
N ALA B 183 22.90 -13.39 15.52
CA ALA B 183 24.10 -13.72 14.76
C ALA B 183 24.67 -12.47 14.11
N LEU B 184 25.98 -12.29 14.25
CA LEU B 184 26.72 -11.27 13.53
C LEU B 184 27.53 -11.96 12.43
N TRP B 185 27.43 -11.43 11.22
CA TRP B 185 27.84 -12.11 10.00
C TRP B 185 29.01 -11.37 9.35
N ASP B 186 29.37 -11.81 8.15
CA ASP B 186 30.37 -11.14 7.32
C ASP B 186 29.88 -11.24 5.88
N ILE B 187 29.46 -10.09 5.32
CA ILE B 187 28.83 -10.07 4.00
C ILE B 187 29.80 -10.58 2.93
N GLU B 188 31.09 -10.30 3.08
CA GLU B 188 32.07 -10.72 2.09
C GLU B 188 32.06 -12.24 1.93
N THR B 189 32.19 -12.97 3.04
CA THR B 189 32.22 -14.43 3.00
C THR B 189 30.82 -15.03 3.06
N GLY B 190 30.01 -14.61 4.02
CA GLY B 190 28.66 -15.12 4.18
C GLY B 190 28.46 -16.02 5.38
N GLN B 191 29.52 -16.38 6.08
CA GLN B 191 29.44 -17.23 7.26
C GLN B 191 29.42 -16.39 8.52
N GLN B 192 28.70 -16.90 9.54
CA GLN B 192 28.61 -16.19 10.81
C GLN B 192 29.98 -16.06 11.45
N THR B 193 30.30 -14.85 11.92
CA THR B 193 31.52 -14.61 12.68
C THR B 193 31.25 -14.53 14.18
N THR B 194 30.00 -14.39 14.59
CA THR B 194 29.68 -14.43 16.01
C THR B 194 28.24 -14.91 16.17
N THR B 195 28.02 -15.72 17.21
CA THR B 195 26.71 -16.25 17.52
C THR B 195 26.38 -15.92 18.97
N PHE B 196 25.22 -15.29 19.19
CA PHE B 196 24.80 -14.83 20.51
C PHE B 196 23.64 -15.70 20.96
N THR B 197 23.87 -16.49 22.01
CA THR B 197 22.87 -17.39 22.56
C THR B 197 22.68 -17.12 24.04
N GLY B 198 21.50 -17.50 24.54
CA GLY B 198 21.20 -17.33 25.95
C GLY B 198 19.77 -16.87 26.21
N HIS B 199 19.02 -16.63 25.14
CA HIS B 199 17.65 -16.17 25.26
C HIS B 199 16.70 -17.38 25.34
N THR B 200 15.69 -17.25 26.20
CA THR B 200 14.68 -18.30 26.36
C THR B 200 13.51 -18.12 25.41
N GLY B 201 12.95 -16.91 25.36
CA GLY B 201 11.84 -16.62 24.47
C GLY B 201 12.31 -16.10 23.11
N ASP B 202 11.33 -15.87 22.24
CA ASP B 202 11.63 -15.44 20.88
C ASP B 202 12.10 -13.99 20.87
N VAL B 203 13.24 -13.76 20.22
CA VAL B 203 13.83 -12.43 20.12
C VAL B 203 13.08 -11.65 19.05
N MET B 204 12.65 -10.43 19.39
CA MET B 204 11.77 -9.67 18.52
C MET B 204 12.40 -8.43 17.90
N SER B 205 13.47 -7.90 18.46
CA SER B 205 14.07 -6.68 17.91
C SER B 205 15.45 -6.47 18.50
N LEU B 206 16.30 -5.80 17.72
CA LEU B 206 17.61 -5.37 18.18
C LEU B 206 17.82 -3.93 17.77
N SER B 207 18.87 -3.32 18.33
CA SER B 207 19.20 -1.92 18.02
C SER B 207 20.71 -1.78 18.20
N LEU B 208 21.37 -1.23 17.19
CA LEU B 208 22.80 -0.97 17.29
C LEU B 208 23.05 0.34 18.03
N ALA B 209 24.15 0.37 18.79
CA ALA B 209 24.50 1.54 19.56
C ALA B 209 25.10 2.62 18.68
N PRO B 210 25.04 3.89 19.12
CA PRO B 210 25.68 4.96 18.31
C PRO B 210 27.17 4.73 18.06
N ASP B 211 27.91 4.28 19.07
CA ASP B 211 29.33 4.00 18.89
C ASP B 211 29.59 2.71 18.12
N THR B 212 28.54 1.92 17.85
CA THR B 212 28.67 0.67 17.08
C THR B 212 29.66 -0.29 17.73
N ARG B 213 29.49 -0.53 19.03
CA ARG B 213 30.29 -1.49 19.76
C ARG B 213 29.49 -2.44 20.63
N LEU B 214 28.25 -2.10 20.99
CA LEU B 214 27.37 -2.96 21.75
C LEU B 214 25.96 -2.88 21.17
N PHE B 215 25.11 -3.80 21.60
CA PHE B 215 23.72 -3.79 21.15
C PHE B 215 22.85 -4.54 22.13
N VAL B 216 21.57 -4.14 22.20
CA VAL B 216 20.59 -4.74 23.08
C VAL B 216 19.55 -5.46 22.23
N SER B 217 19.03 -6.57 22.75
CA SER B 217 18.00 -7.34 22.07
C SER B 217 16.98 -7.82 23.08
N GLY B 218 15.70 -7.60 22.77
CA GLY B 218 14.60 -8.01 23.64
C GLY B 218 13.93 -9.27 23.09
N ALA B 219 13.42 -10.09 24.00
CA ALA B 219 12.84 -11.37 23.64
C ALA B 219 11.43 -11.50 24.19
N CYS B 220 10.72 -12.52 23.72
CA CYS B 220 9.37 -12.81 24.19
C CYS B 220 9.32 -13.28 25.64
N ASP B 221 10.47 -13.59 26.24
CA ASP B 221 10.54 -13.99 27.64
C ASP B 221 10.53 -12.80 28.59
N ALA B 222 10.10 -11.64 28.13
CA ALA B 222 10.02 -10.42 28.94
C ALA B 222 11.39 -10.01 29.47
N SER B 223 12.45 -10.31 28.71
CA SER B 223 13.80 -9.96 29.12
C SER B 223 14.57 -9.43 27.93
N ALA B 224 15.54 -8.56 28.22
CA ALA B 224 16.45 -8.02 27.21
C ALA B 224 17.88 -8.30 27.62
N LYS B 225 18.75 -8.39 26.63
CA LYS B 225 20.16 -8.68 26.86
C LYS B 225 21.02 -7.68 26.10
N LEU B 226 21.98 -7.10 26.80
CA LEU B 226 22.99 -6.23 26.21
C LEU B 226 24.28 -7.04 26.00
N TRP B 227 24.76 -7.06 24.77
CA TRP B 227 25.86 -7.93 24.36
C TRP B 227 27.10 -7.10 24.04
N ASP B 228 28.20 -7.81 23.79
CA ASP B 228 29.45 -7.19 23.36
C ASP B 228 29.78 -7.69 21.97
N VAL B 229 29.98 -6.76 21.03
CA VAL B 229 30.20 -7.12 19.64
C VAL B 229 31.56 -7.80 19.48
N ARG B 230 32.60 -7.23 20.08
CA ARG B 230 33.96 -7.72 19.84
C ARG B 230 34.15 -9.13 20.38
N GLU B 231 33.72 -9.37 21.62
CA GLU B 231 33.93 -10.68 22.23
C GLU B 231 32.85 -11.67 21.80
N GLY B 232 31.59 -11.34 22.06
CA GLY B 232 30.49 -12.18 21.62
C GLY B 232 29.81 -12.97 22.72
N MET B 233 29.80 -12.42 23.94
CA MET B 233 29.16 -13.06 25.08
C MET B 233 28.18 -12.07 25.71
N CYS B 234 27.10 -12.61 26.27
CA CYS B 234 26.09 -11.78 26.94
C CYS B 234 26.72 -11.03 28.09
N ARG B 235 26.56 -9.71 28.10
CA ARG B 235 27.16 -8.86 29.12
C ARG B 235 26.18 -8.48 30.23
N GLN B 236 24.98 -8.03 29.88
CA GLN B 236 24.02 -7.58 30.88
C GLN B 236 22.63 -8.12 30.55
N THR B 237 21.82 -8.31 31.59
CA THR B 237 20.46 -8.80 31.45
C THR B 237 19.51 -7.85 32.17
N PHE B 238 18.41 -7.48 31.51
CA PHE B 238 17.42 -6.57 32.06
C PHE B 238 16.06 -7.24 32.05
N THR B 239 15.33 -7.12 33.15
CA THR B 239 13.99 -7.68 33.30
C THR B 239 13.10 -6.66 34.00
N GLY B 240 11.80 -6.95 34.01
CA GLY B 240 10.86 -6.08 34.67
C GLY B 240 9.52 -5.97 33.97
N HIS B 241 9.43 -6.50 32.75
CA HIS B 241 8.18 -6.45 32.00
C HIS B 241 7.31 -7.65 32.38
N GLU B 242 6.18 -7.81 31.70
CA GLU B 242 5.25 -8.90 31.99
C GLU B 242 4.81 -9.71 30.77
N SER B 243 5.20 -9.31 29.57
CA SER B 243 4.78 -10.01 28.37
C SER B 243 5.84 -9.81 27.29
N ASP B 244 5.50 -10.11 26.05
CA ASP B 244 6.43 -10.00 24.94
C ASP B 244 6.84 -8.55 24.73
N ILE B 245 8.09 -8.36 24.29
CA ILE B 245 8.66 -7.05 24.03
C ILE B 245 8.83 -6.92 22.52
N ASN B 246 8.18 -5.93 21.91
CA ASN B 246 8.11 -5.83 20.46
C ASN B 246 8.95 -4.71 19.88
N ALA B 247 9.62 -3.90 20.71
CA ALA B 247 10.39 -2.78 20.18
C ALA B 247 11.54 -2.45 21.14
N ILE B 248 12.69 -2.10 20.57
CA ILE B 248 13.86 -1.73 21.36
C ILE B 248 14.68 -0.72 20.56
N CYS B 249 15.15 0.32 21.25
CA CYS B 249 16.03 1.34 20.70
C CYS B 249 16.81 1.99 21.83
N PHE B 250 18.01 2.47 21.50
CA PHE B 250 18.80 3.21 22.47
C PHE B 250 18.38 4.67 22.57
N PHE B 251 18.66 5.26 23.71
CA PHE B 251 18.69 6.71 23.84
C PHE B 251 19.84 7.25 22.99
N PRO B 252 19.69 8.44 22.41
CA PRO B 252 20.78 8.99 21.60
C PRO B 252 22.07 9.24 22.38
N ASN B 253 21.99 9.32 23.70
CA ASN B 253 23.20 9.39 24.51
C ASN B 253 23.99 8.09 24.44
N GLY B 254 23.32 6.97 24.20
CA GLY B 254 23.96 5.68 24.06
C GLY B 254 24.12 4.89 25.35
N ASN B 255 23.70 5.43 26.48
CA ASN B 255 23.81 4.76 27.77
C ASN B 255 22.44 4.51 28.38
N ALA B 256 21.43 4.33 27.53
CA ALA B 256 20.07 4.03 27.97
C ALA B 256 19.31 3.47 26.78
N PHE B 257 18.20 2.79 27.06
CA PHE B 257 17.39 2.23 25.99
C PHE B 257 15.98 1.98 26.50
N ALA B 258 15.00 2.15 25.60
CA ALA B 258 13.60 2.02 25.93
C ALA B 258 13.00 0.82 25.22
N THR B 259 12.23 0.03 25.96
CA THR B 259 11.53 -1.14 25.45
C THR B 259 10.02 -0.91 25.52
N GLY B 260 9.29 -1.55 24.62
CA GLY B 260 7.84 -1.50 24.63
C GLY B 260 7.24 -2.88 24.55
N SER B 261 6.28 -3.20 25.41
CA SER B 261 5.76 -4.55 25.53
C SER B 261 4.26 -4.58 25.25
N ASP B 262 3.73 -5.81 25.18
CA ASP B 262 2.34 -6.03 24.83
C ASP B 262 1.36 -5.76 25.96
N ASP B 263 1.83 -5.56 27.19
CA ASP B 263 0.97 -5.31 28.33
C ASP B 263 0.68 -3.82 28.51
N ALA B 264 0.75 -3.04 27.43
CA ALA B 264 0.49 -1.59 27.45
C ALA B 264 1.47 -0.88 28.39
N THR B 265 2.76 -1.09 28.13
CA THR B 265 3.79 -0.52 28.98
C THR B 265 5.09 -0.37 28.19
N CYS B 266 5.69 0.82 28.29
CA CYS B 266 7.06 1.04 27.87
C CYS B 266 7.91 1.28 29.12
N ARG B 267 9.19 0.93 29.01
CA ARG B 267 10.11 1.10 30.14
C ARG B 267 11.44 1.62 29.63
N LEU B 268 12.11 2.42 30.47
CA LEU B 268 13.42 2.97 30.14
C LEU B 268 14.44 2.37 31.10
N PHE B 269 15.49 1.77 30.54
CA PHE B 269 16.52 1.09 31.33
C PHE B 269 17.87 1.71 31.03
N ASP B 270 18.65 1.97 32.08
CA ASP B 270 20.00 2.47 31.95
C ASP B 270 21.00 1.32 31.93
N LEU B 271 22.12 1.53 31.25
CA LEU B 271 23.14 0.49 31.14
C LEU B 271 24.08 0.46 32.34
N ARG B 272 24.43 1.61 32.90
CA ARG B 272 25.30 1.64 34.07
C ARG B 272 24.59 1.13 35.31
N ALA B 273 23.35 1.57 35.53
CA ALA B 273 22.53 1.12 36.65
C ALA B 273 21.43 0.22 36.13
N ASP B 274 21.38 -1.01 36.65
CA ASP B 274 20.45 -2.03 36.15
C ASP B 274 19.14 -1.98 36.95
N GLN B 275 18.46 -0.85 36.84
CA GLN B 275 17.13 -0.71 37.40
C GLN B 275 16.22 -0.13 36.32
N GLU B 276 15.00 0.25 36.71
CA GLU B 276 14.02 0.83 35.80
C GLU B 276 13.98 2.34 36.02
N LEU B 277 14.21 3.09 34.95
CA LEU B 277 14.22 4.54 35.07
C LEU B 277 12.81 5.10 35.18
N MET B 278 12.00 4.89 34.13
CA MET B 278 10.58 5.22 34.17
C MET B 278 9.79 4.20 33.37
N THR B 279 8.48 4.19 33.66
CA THR B 279 7.50 3.41 32.93
C THR B 279 6.49 4.36 32.30
N TYR B 280 6.03 4.01 31.11
CA TYR B 280 5.10 4.81 30.32
C TYR B 280 3.89 3.94 30.04
N SER B 281 2.77 4.27 30.68
CA SER B 281 1.54 3.51 30.55
C SER B 281 0.37 4.40 30.93
N HIS B 282 -0.83 3.97 30.55
CA HIS B 282 -2.05 4.71 30.86
C HIS B 282 -3.21 3.74 30.97
N ASP B 283 -4.16 4.08 31.86
CA ASP B 283 -5.28 3.20 32.13
C ASP B 283 -6.16 3.03 30.90
N ASN B 284 -6.43 4.13 30.18
CA ASN B 284 -7.30 4.08 29.01
C ASN B 284 -6.68 3.35 27.83
N ILE B 285 -5.39 3.02 27.89
CA ILE B 285 -4.71 2.28 26.84
C ILE B 285 -4.46 0.86 27.34
N ILE B 286 -5.02 -0.13 26.65
CA ILE B 286 -4.86 -1.53 27.01
C ILE B 286 -4.27 -2.27 25.82
N CYS B 287 -3.63 -1.54 24.92
CA CYS B 287 -3.07 -2.10 23.69
C CYS B 287 -1.54 -2.13 23.80
N GLY B 288 -0.92 -2.88 22.90
CA GLY B 288 0.50 -3.18 22.98
C GLY B 288 1.33 -2.30 22.05
N ILE B 289 2.48 -1.87 22.55
CA ILE B 289 3.36 -1.01 21.77
C ILE B 289 4.00 -1.83 20.65
N THR B 290 3.87 -1.34 19.42
CA THR B 290 4.44 -2.03 18.27
C THR B 290 5.75 -1.43 17.78
N SER B 291 6.04 -0.18 18.15
CA SER B 291 7.27 0.47 17.71
C SER B 291 7.69 1.52 18.73
N VAL B 292 9.00 1.71 18.86
CA VAL B 292 9.57 2.70 19.77
C VAL B 292 10.70 3.42 19.06
N SER B 293 10.73 4.74 19.18
CA SER B 293 11.79 5.55 18.60
C SER B 293 11.92 6.84 19.39
N PHE B 294 13.08 7.48 19.26
CA PHE B 294 13.40 8.70 19.99
C PHE B 294 13.54 9.87 19.02
N SER B 295 13.73 11.05 19.60
CA SER B 295 14.01 12.27 18.85
C SER B 295 15.50 12.57 18.88
N LYS B 296 15.88 13.66 18.21
CA LYS B 296 17.29 14.03 18.14
C LYS B 296 17.86 14.41 19.51
N SER B 297 17.06 15.02 20.38
CA SER B 297 17.53 15.45 21.69
C SER B 297 17.11 14.51 22.81
N GLY B 298 16.33 13.47 22.51
CA GLY B 298 15.88 12.56 23.54
C GLY B 298 14.80 13.11 24.44
N ARG B 299 14.03 14.10 23.98
CA ARG B 299 12.95 14.69 24.76
C ARG B 299 11.59 14.33 24.17
N LEU B 300 11.54 13.45 23.19
CA LEU B 300 10.29 13.04 22.56
C LEU B 300 10.36 11.56 22.26
N LEU B 301 9.56 10.76 22.97
CA LEU B 301 9.43 9.35 22.71
C LEU B 301 8.13 9.11 21.92
N LEU B 302 8.25 8.48 20.77
CA LEU B 302 7.13 8.27 19.86
C LEU B 302 6.87 6.77 19.77
N ALA B 303 6.00 6.27 20.65
CA ALA B 303 5.64 4.86 20.69
C ALA B 303 4.33 4.66 19.94
N GLY B 304 4.34 3.78 18.95
CA GLY B 304 3.16 3.53 18.14
C GLY B 304 2.30 2.40 18.66
N TYR B 305 1.23 2.75 19.39
CA TYR B 305 0.31 1.74 19.90
C TYR B 305 -0.56 1.20 18.77
N ASP B 306 -1.04 -0.03 18.95
CA ASP B 306 -1.84 -0.71 17.94
C ASP B 306 -3.34 -0.49 18.17
N ASP B 307 -3.71 0.65 18.72
CA ASP B 307 -5.10 1.04 18.91
C ASP B 307 -5.56 1.99 17.81
N PHE B 308 -5.09 1.77 16.59
CA PHE B 308 -5.44 2.44 15.34
C PHE B 308 -4.80 3.82 15.20
N ASN B 309 -4.07 4.31 16.20
CA ASN B 309 -3.39 5.59 16.05
C ASN B 309 -2.10 5.57 16.86
N CYS B 310 -1.16 6.43 16.47
CA CYS B 310 0.14 6.51 17.12
C CYS B 310 0.01 7.36 18.40
N ASN B 311 1.14 7.63 19.04
CA ASN B 311 1.15 8.41 20.25
C ASN B 311 2.53 9.06 20.40
N VAL B 312 2.56 10.16 21.15
CA VAL B 312 3.79 10.89 21.43
C VAL B 312 3.90 11.05 22.95
N TRP B 313 5.01 10.57 23.51
CA TRP B 313 5.27 10.64 24.94
C TRP B 313 6.48 11.50 25.21
N ASP B 314 6.39 12.33 26.25
CA ASP B 314 7.55 13.07 26.72
C ASP B 314 8.48 12.07 27.41
N ALA B 315 9.63 11.80 26.79
CA ALA B 315 10.52 10.74 27.24
C ALA B 315 11.16 11.04 28.60
N LEU B 316 10.84 12.20 29.18
CA LEU B 316 11.42 12.60 30.45
C LEU B 316 10.39 12.84 31.54
N LYS B 317 9.10 12.80 31.21
CA LYS B 317 8.05 13.03 32.21
C LYS B 317 6.96 11.96 32.22
N ALA B 318 6.98 11.02 31.29
CA ALA B 318 6.05 9.89 31.18
C ALA B 318 4.63 10.30 30.80
N ASP B 319 4.36 11.60 30.65
CA ASP B 319 3.05 12.05 30.22
C ASP B 319 3.03 12.28 28.71
N ARG B 320 1.82 12.30 28.15
CA ARG B 320 1.67 12.50 26.71
C ARG B 320 1.84 13.98 26.36
N ALA B 321 2.19 14.21 25.09
CA ALA B 321 2.31 15.56 24.58
C ALA B 321 1.69 15.73 23.19
N GLY B 322 1.09 14.69 22.64
CA GLY B 322 0.45 14.78 21.34
C GLY B 322 0.07 13.41 20.84
N VAL B 323 -0.82 13.39 19.86
CA VAL B 323 -1.33 12.17 19.26
C VAL B 323 -1.28 12.32 17.75
N LEU B 324 -0.65 11.36 17.08
CA LEU B 324 -0.61 11.33 15.62
C LEU B 324 -1.76 10.52 15.05
N ALA B 325 -2.99 10.88 15.44
CA ALA B 325 -4.18 10.15 15.03
C ALA B 325 -4.51 10.51 13.59
N GLY B 326 -3.96 9.75 12.65
CA GLY B 326 -4.26 9.94 11.25
C GLY B 326 -4.33 8.65 10.47
N HIS B 327 -4.27 7.53 11.19
CA HIS B 327 -4.27 6.21 10.58
C HIS B 327 -5.58 5.48 10.89
N ASP B 328 -5.99 4.62 9.96
CA ASP B 328 -7.25 3.89 10.07
C ASP B 328 -7.04 2.41 10.40
N ASN B 329 -5.85 2.03 10.85
CA ASN B 329 -5.55 0.63 11.17
C ASN B 329 -4.32 0.62 12.07
N ARG B 330 -3.82 -0.59 12.34
CA ARG B 330 -2.66 -0.76 13.20
C ARG B 330 -1.43 -0.09 12.61
N VAL B 331 -0.74 0.71 13.42
CA VAL B 331 0.53 1.30 13.03
C VAL B 331 1.64 0.36 13.47
N SER B 332 2.54 0.03 12.53
CA SER B 332 3.54 -1.01 12.75
C SER B 332 4.96 -0.49 12.83
N CYS B 333 5.31 0.52 12.04
CA CYS B 333 6.67 1.04 12.01
C CYS B 333 6.66 2.55 12.21
N LEU B 334 7.77 3.07 12.71
CA LEU B 334 7.90 4.49 13.02
C LEU B 334 9.38 4.83 13.07
N GLY B 335 9.78 5.88 12.34
CA GLY B 335 11.16 6.29 12.28
C GLY B 335 11.30 7.79 12.45
N VAL B 336 12.54 8.20 12.73
CA VAL B 336 12.87 9.61 12.92
C VAL B 336 14.18 9.90 12.20
N THR B 337 14.24 11.05 11.52
CA THR B 337 15.42 11.42 10.76
C THR B 337 16.61 11.68 11.69
N ASP B 338 17.80 11.65 11.11
CA ASP B 338 19.02 11.87 11.88
C ASP B 338 19.06 13.29 12.45
N ASP B 339 18.67 14.27 11.63
CA ASP B 339 18.60 15.66 12.09
C ASP B 339 17.26 16.02 12.70
N GLY B 340 16.30 15.09 12.72
CA GLY B 340 15.08 15.26 13.48
C GLY B 340 14.13 16.33 13.00
N MET B 341 13.92 16.45 11.68
CA MET B 341 12.90 17.36 11.18
C MET B 341 11.62 16.66 10.75
N ALA B 342 11.64 15.34 10.57
CA ALA B 342 10.48 14.62 10.08
C ALA B 342 10.29 13.33 10.86
N VAL B 343 9.04 12.87 10.89
CA VAL B 343 8.67 11.60 11.53
C VAL B 343 7.67 10.90 10.62
N ALA B 344 7.92 9.63 10.32
CA ALA B 344 7.05 8.84 9.47
C ALA B 344 6.42 7.71 10.27
N THR B 345 5.16 7.39 9.93
CA THR B 345 4.39 6.38 10.65
C THR B 345 3.73 5.46 9.63
N GLY B 346 4.29 4.26 9.46
CA GLY B 346 3.69 3.28 8.58
C GLY B 346 2.68 2.41 9.30
N SER B 347 1.64 2.03 8.56
CA SER B 347 0.52 1.32 9.15
C SER B 347 -0.05 0.33 8.15
N TRP B 348 -0.95 -0.53 8.62
CA TRP B 348 -1.51 -1.60 7.80
C TRP B 348 -2.49 -1.10 6.74
N ASP B 349 -2.86 0.18 6.76
CA ASP B 349 -3.73 0.73 5.73
C ASP B 349 -2.97 1.08 4.46
N SER B 350 -1.68 0.69 4.38
CA SER B 350 -0.85 0.84 3.18
C SER B 350 -0.59 2.31 2.84
N PHE B 351 -0.60 3.18 3.84
CA PHE B 351 -0.34 4.61 3.64
C PHE B 351 0.72 5.06 4.63
N LEU B 352 1.84 5.58 4.11
CA LEU B 352 2.81 6.24 4.96
C LEU B 352 2.44 7.70 5.15
N LYS B 353 2.97 8.29 6.22
CA LYS B 353 2.59 9.66 6.58
C LYS B 353 3.77 10.31 7.31
N ILE B 354 4.45 11.22 6.63
CA ILE B 354 5.53 11.99 7.24
C ILE B 354 4.92 13.19 7.95
N TRP B 355 5.22 13.32 9.25
CA TRP B 355 4.75 14.43 10.06
C TRP B 355 5.86 15.45 10.25
N ASN B 356 5.48 16.60 10.81
CA ASN B 356 6.44 17.68 11.06
C ASN B 356 5.88 18.66 12.08
N THR C 6 22.96 -36.51 30.84
CA THR C 6 23.51 -35.72 31.94
C THR C 6 23.96 -34.34 31.45
N ALA C 7 23.36 -33.87 30.36
CA ALA C 7 23.68 -32.54 29.86
C ALA C 7 23.03 -31.45 30.69
N SER C 8 22.08 -31.81 31.55
CA SER C 8 21.41 -30.82 32.38
C SER C 8 22.40 -30.13 33.32
N ILE C 9 23.34 -30.87 33.89
CA ILE C 9 24.34 -30.25 34.76
C ILE C 9 25.24 -29.33 33.95
N ALA C 10 25.52 -29.67 32.70
CA ALA C 10 26.31 -28.78 31.84
C ALA C 10 25.55 -27.48 31.56
N GLN C 11 24.25 -27.57 31.30
CA GLN C 11 23.44 -26.37 31.09
C GLN C 11 23.41 -25.53 32.36
N ALA C 12 23.27 -26.17 33.52
CA ALA C 12 23.32 -25.45 34.79
C ALA C 12 24.68 -24.79 35.00
N ARG C 13 25.76 -25.46 34.59
CA ARG C 13 27.09 -24.88 34.66
C ARG C 13 27.18 -23.62 33.80
N LYS C 14 26.64 -23.68 32.59
CA LYS C 14 26.62 -22.50 31.73
C LYS C 14 25.83 -21.36 32.37
N LEU C 15 24.67 -21.70 32.95
CA LEU C 15 23.83 -20.68 33.57
C LEU C 15 24.53 -20.03 34.77
N VAL C 16 25.17 -20.85 35.62
CA VAL C 16 25.86 -20.28 36.77
C VAL C 16 27.09 -19.51 36.35
N GLU C 17 27.73 -19.90 35.24
CA GLU C 17 28.84 -19.12 34.71
C GLU C 17 28.35 -17.74 34.25
N GLN C 18 27.20 -17.71 33.59
CA GLN C 18 26.60 -16.43 33.22
C GLN C 18 26.28 -15.59 34.45
N LEU C 19 25.78 -16.25 35.51
CA LEU C 19 25.52 -15.55 36.77
C LEU C 19 26.81 -14.99 37.37
N LYS C 20 27.90 -15.76 37.31
CA LYS C 20 29.20 -15.26 37.75
C LYS C 20 29.59 -14.01 36.97
N MET C 21 29.41 -14.05 35.64
CA MET C 21 29.81 -12.93 34.80
C MET C 21 28.96 -11.69 35.02
N GLU C 22 27.67 -11.86 35.33
CA GLU C 22 26.76 -10.74 35.50
C GLU C 22 26.75 -10.17 36.91
N ALA C 23 27.44 -10.80 37.86
CA ALA C 23 27.43 -10.38 39.25
C ALA C 23 28.71 -9.67 39.67
N ASN C 24 29.57 -9.29 38.72
CA ASN C 24 30.86 -8.70 39.03
C ASN C 24 31.04 -7.39 38.26
N ILE C 25 30.02 -6.53 38.32
CA ILE C 25 30.06 -5.23 37.66
C ILE C 25 29.78 -4.15 38.71
N ASP C 26 30.21 -2.93 38.41
CA ASP C 26 30.06 -1.79 39.30
C ASP C 26 28.85 -0.96 38.91
N ARG C 27 28.17 -0.42 39.92
CA ARG C 27 26.98 0.38 39.71
C ARG C 27 27.19 1.78 40.30
N ILE C 28 26.31 2.70 39.90
CA ILE C 28 26.34 4.07 40.37
C ILE C 28 24.94 4.46 40.84
N LYS C 29 24.88 5.52 41.63
CA LYS C 29 23.61 6.01 42.13
C LYS C 29 22.74 6.51 40.99
N VAL C 30 21.43 6.33 41.13
CA VAL C 30 20.48 6.71 40.09
C VAL C 30 20.49 8.22 39.84
N SER C 31 20.93 9.00 40.82
CA SER C 31 20.96 10.45 40.64
C SER C 31 21.91 10.86 39.52
N LYS C 32 23.09 10.22 39.45
CA LYS C 32 24.02 10.54 38.38
C LYS C 32 23.52 10.03 37.03
N ALA C 33 22.91 8.85 37.01
CA ALA C 33 22.32 8.34 35.77
C ALA C 33 21.18 9.21 35.29
N ALA C 34 20.53 9.95 36.19
CA ALA C 34 19.50 10.91 35.82
C ALA C 34 20.10 12.23 35.35
N ALA C 35 21.15 12.69 36.02
CA ALA C 35 21.80 13.94 35.64
C ALA C 35 22.45 13.83 34.27
N ASP C 36 22.98 12.66 33.93
CA ASP C 36 23.57 12.47 32.60
C ASP C 36 22.53 12.65 31.50
N LEU C 37 21.38 12.00 31.66
CA LEU C 37 20.31 12.15 30.68
C LEU C 37 19.79 13.59 30.65
N MET C 38 19.67 14.22 31.81
CA MET C 38 19.23 15.61 31.87
C MET C 38 20.17 16.51 31.08
N ALA C 39 21.48 16.36 31.30
CA ALA C 39 22.47 17.18 30.61
C ALA C 39 22.44 16.93 29.11
N TYR C 40 22.34 15.66 28.70
CA TYR C 40 22.29 15.37 27.27
C TYR C 40 21.04 15.98 26.63
N CYS C 41 19.90 15.91 27.33
CA CYS C 41 18.67 16.48 26.78
C CYS C 41 18.74 18.00 26.67
N GLU C 42 19.28 18.68 27.69
CA GLU C 42 19.28 20.14 27.63
C GLU C 42 20.36 20.66 26.68
N ALA C 43 21.44 19.91 26.49
CA ALA C 43 22.54 20.38 25.65
C ALA C 43 22.13 20.44 24.18
N HIS C 44 21.37 19.44 23.71
CA HIS C 44 21.01 19.33 22.31
C HIS C 44 19.55 19.70 22.05
N ALA C 45 18.92 20.42 22.98
CA ALA C 45 17.52 20.81 22.80
C ALA C 45 17.35 21.79 21.65
N LYS C 46 18.31 22.72 21.48
CA LYS C 46 18.17 23.73 20.44
C LYS C 46 18.25 23.13 19.04
N GLU C 47 19.02 22.06 18.87
CA GLU C 47 19.16 21.41 17.57
C GLU C 47 18.10 20.34 17.34
N ASP C 48 16.97 20.42 18.05
CA ASP C 48 15.87 19.48 17.87
C ASP C 48 14.64 20.22 17.34
N PRO C 49 14.38 20.17 16.04
CA PRO C 49 13.19 20.87 15.52
C PRO C 49 11.87 20.38 16.10
N LEU C 50 11.79 19.11 16.49
CA LEU C 50 10.52 18.57 16.98
C LEU C 50 10.11 19.22 18.29
N LEU C 51 11.06 19.45 19.20
CA LEU C 51 10.75 20.07 20.48
C LEU C 51 10.23 21.50 20.28
N THR C 52 11.06 22.37 19.71
CA THR C 52 10.65 23.71 19.31
C THR C 52 10.72 23.82 17.79
N PRO C 53 9.58 23.95 17.10
CA PRO C 53 9.62 24.03 15.64
C PRO C 53 10.39 25.25 15.16
N VAL C 54 11.17 25.06 14.11
CA VAL C 54 11.91 26.14 13.46
C VAL C 54 10.93 26.97 12.63
N PRO C 55 11.25 28.22 12.29
CA PRO C 55 10.35 29.00 11.44
C PRO C 55 10.11 28.34 10.09
N ALA C 56 8.96 28.65 9.50
CA ALA C 56 8.54 28.01 8.25
C ALA C 56 9.42 28.36 7.07
N SER C 57 10.31 29.35 7.21
CA SER C 57 11.15 29.76 6.09
C SER C 57 12.07 28.62 5.62
N GLU C 58 12.65 27.88 6.57
CA GLU C 58 13.61 26.84 6.23
C GLU C 58 13.06 25.43 6.42
N ASN C 59 11.76 25.27 6.58
CA ASN C 59 11.17 23.93 6.63
C ASN C 59 11.28 23.27 5.26
N PRO C 60 11.90 22.10 5.14
CA PRO C 60 12.00 21.44 3.84
C PRO C 60 10.74 20.69 3.44
N PHE C 61 9.86 20.36 4.39
CA PHE C 61 8.67 19.56 4.13
C PHE C 61 7.40 20.39 4.01
N ARG C 62 7.50 21.71 4.02
CA ARG C 62 6.32 22.56 3.87
C ARG C 62 5.67 22.34 2.52
N GLU C 63 4.35 22.22 2.53
CA GLU C 63 3.62 21.96 1.29
C GLU C 63 3.63 23.19 0.39
N LYS C 64 3.96 22.97 -0.88
CA LYS C 64 3.99 24.04 -1.87
C LYS C 64 2.58 24.32 -2.37
N LYS C 65 2.47 25.06 -3.48
CA LYS C 65 1.16 25.40 -4.03
C LYS C 65 0.33 24.17 -4.35
N PHE C 66 0.97 23.08 -4.75
CA PHE C 66 0.26 21.84 -5.00
C PHE C 66 0.81 20.70 -4.15
N VAL D 2 28.59 -2.65 -19.73
CA VAL D 2 28.16 -1.34 -20.19
C VAL D 2 28.93 -0.91 -21.44
N GLN D 3 28.19 -0.67 -22.52
CA GLN D 3 28.76 -0.20 -23.78
C GLN D 3 27.64 0.19 -24.73
N LEU D 4 27.95 1.16 -25.59
CA LEU D 4 27.05 1.64 -26.64
C LEU D 4 27.80 1.60 -27.97
N VAL D 5 27.17 1.04 -28.98
CA VAL D 5 27.75 0.92 -30.32
C VAL D 5 26.87 1.70 -31.28
N GLU D 6 27.46 2.66 -31.99
CA GLU D 6 26.74 3.56 -32.87
C GLU D 6 27.14 3.29 -34.32
N SER D 7 26.17 3.36 -35.23
CA SER D 7 26.46 3.15 -36.64
C SER D 7 25.41 3.85 -37.49
N GLY D 8 25.82 4.29 -38.68
CA GLY D 8 24.89 4.90 -39.61
C GLY D 8 25.47 6.08 -40.37
N GLY D 9 26.63 6.56 -39.95
CA GLY D 9 27.27 7.68 -40.60
C GLY D 9 27.98 7.30 -41.89
N GLY D 10 28.43 8.32 -42.61
CA GLY D 10 29.14 8.12 -43.85
C GLY D 10 29.07 9.37 -44.72
N LEU D 11 29.52 9.19 -45.96
CA LEU D 11 29.51 10.28 -46.93
C LEU D 11 28.20 10.26 -47.72
N VAL D 12 27.52 11.41 -47.75
CA VAL D 12 26.20 11.50 -48.35
C VAL D 12 26.15 12.69 -49.30
N GLN D 13 25.21 12.63 -50.24
CA GLN D 13 24.93 13.72 -51.15
C GLN D 13 24.09 14.79 -50.46
N PRO D 14 24.01 16.00 -51.03
CA PRO D 14 23.14 17.03 -50.45
C PRO D 14 21.68 16.63 -50.37
N GLY D 15 21.23 15.69 -51.21
CA GLY D 15 19.88 15.20 -51.13
C GLY D 15 19.82 13.74 -50.73
N GLY D 16 19.35 13.46 -49.51
CA GLY D 16 19.25 12.11 -49.03
C GLY D 16 18.98 12.04 -47.54
N SER D 17 18.33 10.96 -47.09
CA SER D 17 17.95 10.78 -45.70
C SER D 17 18.73 9.62 -45.09
N ARG D 18 19.25 9.84 -43.89
CA ARG D 18 20.04 8.82 -43.21
C ARG D 18 19.60 8.73 -41.75
N LYS D 19 19.78 7.53 -41.18
CA LYS D 19 19.44 7.26 -39.79
C LYS D 19 20.66 6.74 -39.05
N LEU D 20 20.87 7.25 -37.85
CA LEU D 20 21.92 6.81 -36.95
C LEU D 20 21.30 5.94 -35.87
N SER D 21 21.82 4.72 -35.72
CA SER D 21 21.28 3.74 -34.79
C SER D 21 22.35 3.35 -33.78
N CYS D 22 22.00 3.39 -32.51
CA CYS D 22 22.87 2.96 -31.43
C CYS D 22 22.24 1.80 -30.67
N SER D 23 23.06 0.79 -30.39
CA SER D 23 22.66 -0.38 -29.62
C SER D 23 23.40 -0.38 -28.29
N ALA D 24 22.67 -0.64 -27.22
CA ALA D 24 23.21 -0.62 -25.86
C ALA D 24 23.26 -2.03 -25.32
N SER D 25 24.36 -2.37 -24.64
CA SER D 25 24.47 -3.67 -24.01
C SER D 25 25.24 -3.54 -22.70
N GLY D 26 24.85 -4.33 -21.70
CA GLY D 26 25.50 -4.33 -20.42
C GLY D 26 24.81 -3.54 -19.32
N PHE D 27 23.59 -3.06 -19.56
CA PHE D 27 22.84 -2.36 -18.52
C PHE D 27 21.37 -2.40 -18.91
N ALA D 28 20.53 -1.68 -18.14
CA ALA D 28 19.08 -1.66 -18.34
C ALA D 28 18.75 -0.45 -19.19
N PHE D 29 18.71 -0.66 -20.51
CA PHE D 29 18.38 0.42 -21.43
C PHE D 29 16.96 0.93 -21.23
N SER D 30 16.06 0.07 -20.75
CA SER D 30 14.65 0.44 -20.61
C SER D 30 14.40 1.45 -19.49
N SER D 31 15.44 1.93 -18.81
CA SER D 31 15.27 2.91 -17.74
C SER D 31 16.28 4.05 -17.85
N PHE D 32 16.81 4.30 -19.03
CA PHE D 32 17.82 5.33 -19.25
C PHE D 32 17.32 6.34 -20.28
N GLY D 33 17.32 7.61 -19.91
CA GLY D 33 17.05 8.65 -20.88
C GLY D 33 18.17 8.76 -21.90
N MET D 34 17.80 9.15 -23.13
CA MET D 34 18.73 9.13 -24.24
C MET D 34 18.90 10.53 -24.81
N HIS D 35 20.13 10.85 -25.21
CA HIS D 35 20.52 12.12 -25.79
C HIS D 35 21.27 11.88 -27.10
N TRP D 36 21.47 12.95 -27.85
CA TRP D 36 22.40 12.95 -28.97
C TRP D 36 23.21 14.24 -28.92
N VAL D 37 24.48 14.14 -29.32
CA VAL D 37 25.40 15.27 -29.31
C VAL D 37 26.12 15.30 -30.65
N ARG D 38 26.21 16.49 -31.25
CA ARG D 38 26.85 16.68 -32.54
C ARG D 38 28.09 17.54 -32.38
N GLN D 39 29.16 17.15 -33.08
CA GLN D 39 30.46 17.83 -33.00
C GLN D 39 30.99 18.04 -34.40
N ALA D 40 31.15 19.30 -34.79
CA ALA D 40 31.72 19.61 -36.09
C ALA D 40 33.22 19.30 -36.08
N PRO D 41 33.76 18.83 -37.21
CA PRO D 41 35.19 18.54 -37.25
C PRO D 41 36.03 19.79 -36.99
N GLU D 42 37.08 19.63 -36.19
CA GLU D 42 37.99 20.70 -35.80
C GLU D 42 37.29 21.87 -35.13
N LYS D 43 36.10 21.64 -34.57
CA LYS D 43 35.32 22.68 -33.91
C LYS D 43 34.72 22.10 -32.64
N GLY D 44 33.76 22.83 -32.06
CA GLY D 44 33.11 22.43 -30.83
C GLY D 44 31.99 21.44 -31.06
N LEU D 45 31.21 21.23 -30.00
CA LEU D 45 30.14 20.25 -30.00
C LEU D 45 28.82 20.92 -29.62
N GLU D 46 27.72 20.32 -30.05
CA GLU D 46 26.39 20.87 -29.81
C GLU D 46 25.37 19.73 -29.67
N TRP D 47 24.29 20.03 -28.95
CA TRP D 47 23.24 19.08 -28.65
C TRP D 47 22.36 18.84 -29.89
N VAL D 48 21.70 17.69 -29.91
CA VAL D 48 20.83 17.34 -31.03
C VAL D 48 19.39 17.13 -30.59
N ALA D 49 19.16 16.13 -29.74
CA ALA D 49 17.80 15.77 -29.34
C ALA D 49 17.83 15.11 -27.96
N TYR D 50 16.65 14.72 -27.49
CA TYR D 50 16.52 14.06 -26.19
C TYR D 50 15.19 13.33 -26.13
N ILE D 51 15.22 12.08 -25.65
CA ILE D 51 14.03 11.28 -25.44
C ILE D 51 14.08 10.68 -24.04
N SER D 52 12.97 10.75 -23.33
CA SER D 52 12.90 10.31 -21.94
C SER D 52 12.56 8.83 -21.86
N SER D 53 12.56 8.32 -20.63
CA SER D 53 12.25 6.91 -20.40
C SER D 53 10.80 6.61 -20.73
N GLY D 54 10.57 5.48 -21.38
CA GLY D 54 9.23 5.08 -21.76
C GLY D 54 8.62 5.91 -22.86
N SER D 55 9.44 6.60 -23.66
CA SER D 55 8.97 7.41 -24.78
C SER D 55 7.95 8.46 -24.33
N GLY D 56 8.12 8.99 -23.13
CA GLY D 56 7.20 9.96 -22.59
C GLY D 56 7.21 11.29 -23.31
N THR D 57 8.33 12.01 -23.20
CA THR D 57 8.50 13.31 -23.84
C THR D 57 9.70 13.27 -24.78
N ILE D 58 9.67 14.15 -25.77
CA ILE D 58 10.72 14.23 -26.78
C ILE D 58 11.02 15.69 -27.05
N TYR D 59 12.31 16.06 -27.03
CA TYR D 59 12.74 17.42 -27.31
C TYR D 59 13.62 17.43 -28.55
N TYR D 60 13.94 18.64 -29.02
CA TYR D 60 14.77 18.82 -30.19
C TYR D 60 15.56 20.11 -30.07
N ALA D 61 16.63 20.20 -30.85
CA ALA D 61 17.42 21.43 -30.92
C ALA D 61 16.79 22.39 -31.93
N ASP D 62 16.74 23.67 -31.55
CA ASP D 62 16.09 24.67 -32.39
C ASP D 62 16.79 24.87 -33.72
N THR D 63 18.06 24.45 -33.84
CA THR D 63 18.80 24.65 -35.09
C THR D 63 18.15 23.89 -36.24
N VAL D 64 17.78 22.64 -36.02
CA VAL D 64 17.22 21.80 -37.08
C VAL D 64 15.90 21.25 -36.55
N LYS D 65 15.23 22.05 -35.71
CA LYS D 65 13.96 21.65 -35.14
C LYS D 65 12.93 21.37 -36.24
N GLY D 66 12.21 20.26 -36.11
CA GLY D 66 11.20 19.88 -37.07
C GLY D 66 11.68 19.04 -38.23
N ARG D 67 12.97 18.69 -38.28
CA ARG D 67 13.52 17.87 -39.35
C ARG D 67 14.11 16.55 -38.87
N PHE D 68 14.35 16.39 -37.58
CA PHE D 68 14.86 15.14 -37.02
C PHE D 68 13.71 14.32 -36.45
N THR D 69 13.90 13.00 -36.45
CA THR D 69 12.89 12.08 -35.91
C THR D 69 13.61 11.05 -35.05
N ILE D 70 13.33 11.03 -33.76
CA ILE D 70 13.96 10.12 -32.81
C ILE D 70 12.97 9.04 -32.43
N SER D 71 13.45 7.79 -32.38
CA SER D 71 12.63 6.64 -32.05
C SER D 71 13.41 5.70 -31.14
N ARG D 72 12.72 5.08 -30.19
CA ARG D 72 13.34 4.18 -29.23
C ARG D 72 12.65 2.82 -29.28
N ASP D 73 13.43 1.77 -29.48
CA ASP D 73 12.95 0.39 -29.43
C ASP D 73 13.45 -0.22 -28.13
N ASP D 74 12.52 -0.48 -27.20
CA ASP D 74 12.83 -0.97 -25.87
C ASP D 74 13.21 -2.45 -25.84
N PRO D 75 12.45 -3.35 -26.49
CA PRO D 75 12.82 -4.78 -26.42
C PRO D 75 14.21 -5.08 -26.95
N LYS D 76 14.65 -4.39 -27.98
CA LYS D 76 15.97 -4.62 -28.57
C LYS D 76 17.03 -3.67 -28.03
N ASN D 77 16.67 -2.76 -27.12
CA ASN D 77 17.60 -1.80 -26.54
C ASN D 77 18.33 -1.00 -27.63
N THR D 78 17.54 -0.37 -28.50
CA THR D 78 18.08 0.32 -29.66
C THR D 78 17.45 1.70 -29.79
N LEU D 79 18.23 2.65 -30.32
CA LEU D 79 17.75 4.00 -30.54
C LEU D 79 18.10 4.44 -31.96
N PHE D 80 17.16 5.13 -32.62
CA PHE D 80 17.34 5.62 -33.97
C PHE D 80 17.09 7.12 -34.00
N LEU D 81 17.88 7.82 -34.83
CA LEU D 81 17.66 9.23 -35.12
C LEU D 81 17.77 9.42 -36.63
N GLN D 82 16.68 9.84 -37.26
CA GLN D 82 16.58 9.94 -38.71
C GLN D 82 16.52 11.39 -39.14
N MET D 83 17.21 11.69 -40.24
CA MET D 83 17.33 13.04 -40.79
C MET D 83 17.13 12.97 -42.30
N THR D 84 16.43 13.97 -42.85
CA THR D 84 15.86 13.87 -44.19
C THR D 84 16.52 14.77 -45.21
N SER D 85 16.54 16.08 -44.98
CA SER D 85 17.00 17.06 -45.98
C SER D 85 18.32 17.65 -45.49
N LEU D 86 19.42 17.02 -45.87
CA LEU D 86 20.74 17.36 -45.33
C LEU D 86 21.28 18.62 -45.97
N ARG D 87 21.58 19.62 -45.16
CA ARG D 87 22.21 20.85 -45.62
C ARG D 87 23.73 20.71 -45.54
N SER D 88 24.45 21.81 -45.76
CA SER D 88 25.90 21.77 -45.68
C SER D 88 26.40 21.73 -44.25
N GLU D 89 25.63 22.28 -43.31
CA GLU D 89 26.04 22.33 -41.90
C GLU D 89 25.92 20.98 -41.22
N ASP D 90 25.27 20.00 -41.84
CA ASP D 90 24.98 18.72 -41.22
C ASP D 90 26.11 17.71 -41.38
N THR D 91 27.34 18.16 -41.58
CA THR D 91 28.52 17.30 -41.62
C THR D 91 29.24 17.40 -40.27
N ALA D 92 29.28 16.27 -39.55
CA ALA D 92 29.80 16.27 -38.18
C ALA D 92 29.85 14.83 -37.69
N MET D 93 30.27 14.66 -36.43
CA MET D 93 30.34 13.35 -35.79
C MET D 93 29.52 13.37 -34.50
N TYR D 94 28.81 12.27 -34.25
CA TYR D 94 27.74 12.24 -33.26
C TYR D 94 28.04 11.25 -32.14
N TYR D 95 27.73 11.64 -30.91
CA TYR D 95 27.68 10.78 -29.74
C TYR D 95 26.23 10.56 -29.32
N CYS D 96 25.99 9.49 -28.58
CA CYS D 96 24.68 9.21 -27.97
C CYS D 96 24.91 8.93 -26.49
N VAL D 97 24.76 9.96 -25.67
CA VAL D 97 24.98 9.83 -24.23
C VAL D 97 23.79 9.13 -23.59
N ARG D 98 24.03 8.49 -22.45
CA ARG D 98 22.98 7.88 -21.65
C ARG D 98 22.76 8.73 -20.41
N SER D 99 21.54 8.68 -19.87
CA SER D 99 21.19 9.50 -18.73
C SER D 99 20.05 8.87 -17.96
N ILE D 100 20.12 8.99 -16.64
CA ILE D 100 19.03 8.60 -15.74
C ILE D 100 18.83 9.71 -14.74
N TYR D 101 17.57 10.02 -14.43
CA TYR D 101 17.23 11.15 -13.57
C TYR D 101 16.50 10.66 -12.33
N TYR D 102 17.20 10.67 -11.20
CA TYR D 102 16.60 10.50 -9.89
C TYR D 102 17.52 11.17 -8.89
N TYR D 103 17.01 11.40 -7.68
CA TYR D 103 17.78 12.16 -6.69
C TYR D 103 19.04 11.39 -6.29
N GLY D 104 20.20 11.96 -6.59
CA GLY D 104 21.47 11.32 -6.29
C GLY D 104 22.12 10.61 -7.46
N SER D 105 21.49 10.59 -8.63
CA SER D 105 22.08 9.93 -9.78
C SER D 105 23.19 10.80 -10.38
N SER D 106 23.85 10.26 -11.41
CA SER D 106 24.91 10.94 -12.13
C SER D 106 24.56 10.94 -13.62
N PRO D 107 23.73 11.88 -14.06
CA PRO D 107 23.40 11.94 -15.50
C PRO D 107 24.62 12.31 -16.33
N PHE D 108 24.56 11.94 -17.60
CA PHE D 108 25.64 12.16 -18.57
C PHE D 108 26.92 11.43 -18.11
N ASP D 109 26.77 10.13 -17.87
CA ASP D 109 27.84 9.30 -17.34
C ASP D 109 28.56 8.49 -18.40
N PHE D 110 27.87 8.02 -19.44
CA PHE D 110 28.47 7.24 -20.51
C PHE D 110 28.22 7.95 -21.83
N TRP D 111 29.29 8.20 -22.58
CA TRP D 111 29.22 9.02 -23.79
C TRP D 111 29.29 8.20 -25.07
N GLY D 112 29.26 6.87 -24.96
CA GLY D 112 29.37 6.03 -26.13
C GLY D 112 30.71 6.21 -26.82
N GLN D 113 30.70 6.04 -28.14
CA GLN D 113 31.90 6.21 -28.96
C GLN D 113 31.76 7.33 -29.98
N GLY D 114 30.72 7.30 -30.80
CA GLY D 114 30.51 8.32 -31.80
C GLY D 114 30.77 7.80 -33.20
N THR D 115 30.00 8.31 -34.16
CA THR D 115 30.15 7.95 -35.57
C THR D 115 30.10 9.22 -36.41
N THR D 116 30.89 9.25 -37.48
CA THR D 116 31.04 10.44 -38.30
C THR D 116 30.18 10.35 -39.56
N LEU D 117 29.68 11.49 -40.01
CA LEU D 117 28.88 11.59 -41.21
C LEU D 117 29.29 12.87 -41.94
N THR D 118 29.53 12.75 -43.24
CA THR D 118 29.99 13.87 -44.07
C THR D 118 29.00 14.11 -45.20
N VAL D 119 28.74 15.39 -45.48
CA VAL D 119 27.82 15.80 -46.53
C VAL D 119 28.67 16.33 -47.68
N SER D 120 28.61 15.66 -48.82
CA SER D 120 29.37 16.09 -50.00
C SER D 120 28.80 17.40 -50.54
N SER D 121 29.68 18.30 -50.94
CA SER D 121 29.26 19.59 -51.48
C SER D 121 29.11 19.51 -52.99
N SER D 136 17.26 34.59 -24.97
CA SER D 136 16.52 33.37 -25.28
C SER D 136 17.26 32.14 -24.75
N ASP D 137 18.45 31.90 -25.28
CA ASP D 137 19.28 30.76 -24.90
C ASP D 137 20.52 31.27 -24.20
N ILE D 138 20.87 30.63 -23.08
CA ILE D 138 22.07 30.99 -22.35
C ILE D 138 23.29 30.61 -23.18
N VAL D 139 24.22 31.54 -23.34
CA VAL D 139 25.40 31.33 -24.15
C VAL D 139 26.53 30.80 -23.27
N MET D 140 27.21 29.77 -23.75
CA MET D 140 28.35 29.18 -23.05
C MET D 140 29.62 29.51 -23.83
N THR D 141 30.58 30.15 -23.15
CA THR D 141 31.82 30.55 -23.79
C THR D 141 32.97 30.47 -22.81
N GLN D 142 34.15 30.10 -23.31
CA GLN D 142 35.38 30.08 -22.53
C GLN D 142 36.41 30.93 -23.25
N ALA D 143 36.85 32.01 -22.60
CA ALA D 143 37.80 32.92 -23.23
C ALA D 143 39.13 32.24 -23.52
N THR D 144 39.63 31.44 -22.57
CA THR D 144 40.88 30.73 -22.79
C THR D 144 40.72 29.64 -23.83
N SER D 145 41.76 29.44 -24.63
CA SER D 145 41.74 28.45 -25.69
C SER D 145 42.92 27.48 -25.68
N SER D 146 44.05 27.85 -25.09
CA SER D 146 45.21 26.96 -25.03
C SER D 146 46.13 27.42 -23.91
N VAL D 147 46.70 26.45 -23.20
CA VAL D 147 47.62 26.73 -22.09
C VAL D 147 48.77 25.73 -22.14
N PRO D 148 50.00 26.19 -22.33
CA PRO D 148 51.14 25.27 -22.22
C PRO D 148 51.43 24.94 -20.77
N VAL D 149 51.75 23.67 -20.51
CA VAL D 149 51.90 23.20 -19.15
C VAL D 149 52.78 21.95 -19.17
N THR D 150 53.60 21.80 -18.11
CA THR D 150 54.51 20.71 -17.80
C THR D 150 53.97 19.91 -16.63
N PRO D 151 54.02 18.58 -16.69
CA PRO D 151 53.44 17.77 -15.60
C PRO D 151 54.06 18.11 -14.25
N GLY D 152 53.22 18.15 -13.22
CA GLY D 152 53.62 18.45 -11.87
C GLY D 152 53.09 19.75 -11.31
N GLU D 153 52.39 20.56 -12.11
CA GLU D 153 51.87 21.84 -11.68
C GLU D 153 50.37 21.91 -11.92
N SER D 154 49.71 22.71 -11.08
CA SER D 154 48.26 22.84 -11.15
C SER D 154 47.84 23.66 -12.38
N VAL D 155 46.65 23.36 -12.90
CA VAL D 155 46.07 24.07 -14.02
C VAL D 155 44.65 24.50 -13.64
N SER D 156 44.28 25.71 -14.03
CA SER D 156 42.95 26.25 -13.75
C SER D 156 42.35 26.84 -15.02
N ILE D 157 41.11 26.46 -15.31
CA ILE D 157 40.37 26.96 -16.46
C ILE D 157 39.06 27.58 -15.97
N SER D 158 38.58 28.58 -16.71
CA SER D 158 37.37 29.30 -16.35
C SER D 158 36.33 29.18 -17.46
N CYS D 159 35.06 29.16 -17.07
CA CYS D 159 33.94 29.04 -17.97
C CYS D 159 32.91 30.11 -17.60
N ARG D 160 32.25 30.64 -18.62
CA ARG D 160 31.44 31.85 -18.50
C ARG D 160 30.02 31.55 -18.96
N SER D 161 29.04 32.08 -18.24
CA SER D 161 27.63 31.96 -18.59
C SER D 161 27.01 33.34 -18.77
N SER D 162 25.72 33.37 -19.12
CA SER D 162 25.00 34.62 -19.34
C SER D 162 23.78 34.74 -18.44
N LYS D 163 23.63 33.84 -17.47
CA LYS D 163 22.49 33.86 -16.56
C LYS D 163 22.93 33.21 -15.25
N SER D 164 21.96 32.90 -14.39
CA SER D 164 22.20 32.21 -13.13
C SER D 164 21.83 30.74 -13.30
N LEU D 165 22.82 29.87 -13.16
CA LEU D 165 22.62 28.43 -13.36
C LEU D 165 22.01 27.75 -12.14
N LEU D 166 21.97 28.42 -10.99
CA LEU D 166 21.43 27.84 -9.77
C LEU D 166 19.90 27.85 -9.84
N HIS D 167 19.29 26.66 -9.87
CA HIS D 167 17.84 26.54 -9.93
C HIS D 167 17.24 26.77 -8.54
N SER D 168 15.91 26.80 -8.50
CA SER D 168 15.22 27.06 -7.24
C SER D 168 15.43 25.93 -6.24
N ASN D 169 15.50 24.69 -6.73
CA ASN D 169 15.68 23.55 -5.83
C ASN D 169 17.00 23.64 -5.07
N GLY D 170 18.07 24.04 -5.75
CA GLY D 170 19.35 24.20 -5.11
C GLY D 170 20.51 23.65 -5.91
N ASN D 171 20.19 23.05 -7.06
CA ASN D 171 21.22 22.46 -7.91
C ASN D 171 21.94 23.55 -8.70
N THR D 172 23.02 23.16 -9.37
CA THR D 172 23.78 24.07 -10.23
C THR D 172 24.23 23.25 -11.43
N TYR D 173 23.52 23.37 -12.54
CA TYR D 173 23.68 22.47 -13.68
C TYR D 173 24.85 22.92 -14.53
N LEU D 174 26.02 22.34 -14.28
CA LEU D 174 27.16 22.48 -15.18
C LEU D 174 28.01 21.23 -15.10
N TYR D 175 28.33 20.67 -16.26
CA TYR D 175 29.01 19.38 -16.37
C TYR D 175 30.36 19.60 -17.04
N TRP D 176 31.44 19.54 -16.27
CA TRP D 176 32.79 19.60 -16.81
C TRP D 176 33.17 18.23 -17.38
N PHE D 177 33.47 18.18 -18.68
CA PHE D 177 33.86 16.92 -19.30
C PHE D 177 35.11 17.09 -20.15
N LEU D 178 35.73 15.94 -20.43
CA LEU D 178 37.09 15.84 -20.96
C LEU D 178 37.08 15.05 -22.26
N GLN D 179 37.75 15.57 -23.28
CA GLN D 179 37.93 14.86 -24.54
C GLN D 179 39.41 14.75 -24.85
N ARG D 180 39.83 13.56 -25.31
CA ARG D 180 41.20 13.27 -25.68
C ARG D 180 41.29 12.96 -27.18
N PRO D 181 42.44 13.19 -27.81
CA PRO D 181 42.58 12.89 -29.24
C PRO D 181 42.34 11.41 -29.52
N GLY D 182 41.33 11.15 -30.34
CA GLY D 182 40.95 9.78 -30.65
C GLY D 182 40.19 9.08 -29.55
N GLN D 183 39.76 9.79 -28.52
CA GLN D 183 39.08 9.18 -27.38
C GLN D 183 37.84 10.00 -27.05
N SER D 184 36.75 9.29 -26.80
CA SER D 184 35.44 9.91 -26.65
C SER D 184 35.35 10.67 -25.32
N PRO D 185 34.49 11.69 -25.26
CA PRO D 185 34.40 12.49 -24.04
C PRO D 185 33.95 11.66 -22.84
N GLN D 186 34.41 12.07 -21.66
CA GLN D 186 34.07 11.39 -20.42
C GLN D 186 33.72 12.43 -19.36
N LEU D 187 32.88 12.02 -18.43
CA LEU D 187 32.36 12.93 -17.41
C LEU D 187 33.37 13.08 -16.28
N LEU D 188 33.74 14.33 -15.98
CA LEU D 188 34.57 14.64 -14.82
C LEU D 188 33.76 15.20 -13.66
N ILE D 189 32.98 16.25 -13.90
CA ILE D 189 32.20 16.92 -12.87
C ILE D 189 30.76 17.01 -13.34
N TYR D 190 29.82 16.61 -12.48
CA TYR D 190 28.40 16.76 -12.75
C TYR D 190 27.77 17.60 -11.64
N ARG D 191 26.86 18.49 -12.04
CA ARG D 191 26.22 19.44 -11.14
C ARG D 191 27.25 20.33 -10.44
N MET D 192 28.36 20.59 -11.14
CA MET D 192 29.30 21.66 -10.82
C MET D 192 30.13 21.37 -9.56
N SER D 193 29.79 20.33 -8.82
CA SER D 193 30.52 20.11 -7.58
C SER D 193 31.03 18.69 -7.40
N ASN D 194 30.27 17.69 -7.84
CA ASN D 194 30.59 16.30 -7.53
C ASN D 194 31.45 15.67 -8.63
N LEU D 195 32.26 14.70 -8.22
CA LEU D 195 33.13 13.95 -9.11
C LEU D 195 32.43 12.69 -9.61
N ALA D 196 32.81 12.25 -10.81
CA ALA D 196 32.24 11.05 -11.41
C ALA D 196 32.93 9.82 -10.84
N SER D 197 32.63 8.66 -11.43
CA SER D 197 33.19 7.38 -11.00
C SER D 197 34.20 6.90 -12.03
N GLY D 198 35.32 6.39 -11.55
CA GLY D 198 36.38 5.92 -12.43
C GLY D 198 37.43 6.94 -12.78
N VAL D 199 37.41 8.11 -12.16
CA VAL D 199 38.39 9.16 -12.41
C VAL D 199 39.12 9.45 -11.10
N PRO D 200 40.36 9.93 -11.15
CA PRO D 200 41.10 10.20 -9.90
C PRO D 200 40.56 11.45 -9.21
N ASP D 201 41.01 11.63 -7.97
CA ASP D 201 40.66 12.80 -7.17
C ASP D 201 41.46 14.04 -7.56
N ARG D 202 42.27 13.96 -8.61
CA ARG D 202 43.06 15.10 -9.05
C ARG D 202 42.18 16.25 -9.53
N PHE D 203 41.11 15.94 -10.26
CA PHE D 203 40.24 16.96 -10.81
C PHE D 203 39.34 17.55 -9.72
N SER D 204 38.99 18.82 -9.88
CA SER D 204 38.07 19.48 -8.96
C SER D 204 37.35 20.59 -9.71
N GLY D 205 36.22 21.00 -9.15
CA GLY D 205 35.43 22.05 -9.76
C GLY D 205 34.42 22.69 -8.83
N SER D 206 34.38 24.02 -8.81
CA SER D 206 33.44 24.76 -7.99
C SER D 206 33.35 26.21 -8.43
N GLY D 207 32.13 26.70 -8.66
CA GLY D 207 31.94 28.08 -9.07
C GLY D 207 30.55 28.59 -8.77
N SER D 208 30.46 29.77 -8.16
CA SER D 208 29.19 30.31 -7.71
C SER D 208 28.70 31.39 -8.66
N GLY D 209 27.45 31.27 -9.09
CA GLY D 209 26.82 32.30 -9.90
C GLY D 209 27.04 32.15 -11.39
N THR D 210 27.95 32.94 -11.95
CA THR D 210 28.16 33.01 -13.39
C THR D 210 29.51 32.47 -13.83
N ALA D 211 30.58 32.70 -13.07
CA ALA D 211 31.91 32.24 -13.41
C ALA D 211 32.17 30.90 -12.73
N PHE D 212 32.68 29.93 -13.50
CA PHE D 212 32.97 28.61 -12.99
C PHE D 212 34.41 28.25 -13.31
N THR D 213 34.98 27.32 -12.55
CA THR D 213 36.38 26.96 -12.76
C THR D 213 36.56 25.45 -12.62
N LEU D 214 37.50 24.93 -13.42
CA LEU D 214 37.96 23.55 -13.34
C LEU D 214 39.44 23.54 -12.99
N THR D 215 39.83 22.66 -12.08
CA THR D 215 41.19 22.69 -11.54
C THR D 215 41.78 21.28 -11.53
N ILE D 216 43.07 21.21 -11.86
CA ILE D 216 43.85 19.98 -11.80
C ILE D 216 45.08 20.24 -10.94
N SER D 217 45.39 19.31 -10.04
CA SER D 217 46.49 19.48 -9.09
C SER D 217 47.83 19.06 -9.68
N ARG D 218 47.96 17.79 -10.07
CA ARG D 218 49.22 17.24 -10.58
C ARG D 218 48.97 16.69 -11.99
N LEU D 219 49.52 17.37 -12.98
CA LEU D 219 49.36 16.94 -14.38
C LEU D 219 50.11 15.63 -14.64
N GLU D 220 49.54 14.82 -15.53
CA GLU D 220 50.22 13.66 -16.10
C GLU D 220 50.05 13.68 -17.62
N ALA D 221 50.60 12.65 -18.27
CA ALA D 221 50.56 12.58 -19.73
C ALA D 221 49.18 12.29 -20.28
N GLU D 222 48.24 11.87 -19.44
CA GLU D 222 46.91 11.51 -19.91
C GLU D 222 45.92 12.67 -19.91
N ASP D 223 46.21 13.74 -19.18
CA ASP D 223 45.26 14.84 -19.04
C ASP D 223 45.29 15.82 -20.20
N VAL D 224 46.21 15.67 -21.14
CA VAL D 224 46.30 16.60 -22.27
C VAL D 224 45.11 16.37 -23.19
N GLY D 225 44.46 17.46 -23.59
CA GLY D 225 43.27 17.35 -24.40
C GLY D 225 42.39 18.58 -24.22
N VAL D 226 41.14 18.46 -24.67
CA VAL D 226 40.21 19.58 -24.66
C VAL D 226 39.22 19.40 -23.51
N TYR D 227 38.88 20.50 -22.86
CA TYR D 227 37.97 20.51 -21.72
C TYR D 227 36.76 21.35 -22.08
N TYR D 228 35.57 20.86 -21.73
CA TYR D 228 34.34 21.58 -22.05
C TYR D 228 33.46 21.71 -20.81
N CYS D 229 32.67 22.78 -20.80
CA CYS D 229 31.62 23.00 -19.83
C CYS D 229 30.27 23.04 -20.56
N MET D 230 29.24 22.51 -19.91
CA MET D 230 27.92 22.42 -20.51
C MET D 230 26.89 22.73 -19.43
N GLN D 231 25.76 23.31 -19.86
CA GLN D 231 24.73 23.77 -18.94
C GLN D 231 23.43 23.01 -19.18
N HIS D 232 22.69 22.75 -18.10
CA HIS D 232 21.48 21.95 -18.18
C HIS D 232 20.33 22.60 -17.40
N LEU D 233 20.36 23.92 -17.22
CA LEU D 233 19.30 24.60 -16.49
C LEU D 233 17.97 24.45 -17.21
N GLU D 234 17.97 24.57 -18.53
CA GLU D 234 16.77 24.41 -19.33
C GLU D 234 17.18 24.05 -20.76
N TYR D 235 16.21 23.99 -21.64
CA TYR D 235 16.54 23.58 -23.00
C TYR D 235 16.52 24.79 -23.93
N PRO D 236 17.32 24.78 -25.02
CA PRO D 236 18.25 23.74 -25.45
C PRO D 236 19.51 23.59 -24.58
N LEU D 237 20.31 22.59 -24.89
CA LEU D 237 21.56 22.31 -24.17
C LEU D 237 22.70 22.94 -24.97
N THR D 238 23.10 24.15 -24.57
CA THR D 238 24.13 24.89 -25.27
C THR D 238 25.50 24.58 -24.67
N PHE D 239 26.41 24.12 -25.52
CA PHE D 239 27.78 23.83 -25.10
C PHE D 239 28.66 25.07 -25.26
N GLY D 240 29.82 25.03 -24.60
CA GLY D 240 30.79 26.08 -24.68
C GLY D 240 32.00 25.72 -25.53
N ALA D 241 32.84 26.72 -25.78
CA ALA D 241 34.07 26.50 -26.51
C ALA D 241 35.10 25.83 -25.62
N GLY D 242 35.69 24.74 -26.11
CA GLY D 242 36.61 23.99 -25.31
C GLY D 242 37.95 24.68 -25.14
N THR D 243 38.65 24.33 -24.07
CA THR D 243 39.98 24.86 -23.79
C THR D 243 40.98 23.72 -23.87
N LYS D 244 42.11 23.96 -24.53
CA LYS D 244 43.07 22.92 -24.86
C LYS D 244 44.26 22.96 -23.91
N LEU D 245 44.68 21.79 -23.46
CA LEU D 245 45.89 21.61 -22.66
C LEU D 245 46.84 20.71 -23.45
N GLU D 246 47.96 21.27 -23.87
CA GLU D 246 48.99 20.56 -24.62
C GLU D 246 50.22 20.37 -23.77
N LEU D 247 51.06 19.41 -24.17
CA LEU D 247 52.28 19.10 -23.43
C LEU D 247 53.46 19.88 -23.99
N GLU E 50 -51.42 33.56 -25.32
CA GLU E 50 -52.78 33.02 -25.34
C GLU E 50 -52.80 31.61 -25.90
N THR E 51 -51.62 31.12 -26.30
CA THR E 51 -51.53 29.75 -26.81
C THR E 51 -51.87 28.73 -25.74
N LEU E 52 -51.43 28.97 -24.50
CA LEU E 52 -51.71 28.03 -23.41
C LEU E 52 -53.20 27.93 -23.13
N ARG E 53 -53.91 29.06 -23.19
CA ARG E 53 -55.36 29.03 -22.99
C ARG E 53 -56.05 28.21 -24.06
N GLU E 54 -55.66 28.39 -25.33
CA GLU E 54 -56.26 27.62 -26.41
C GLU E 54 -55.95 26.14 -26.26
N HIS E 55 -54.72 25.80 -25.87
CA HIS E 55 -54.36 24.40 -25.67
C HIS E 55 -55.15 23.78 -24.53
N TYR E 56 -55.32 24.51 -23.43
CA TYR E 56 -56.11 24.01 -22.32
C TYR E 56 -57.56 23.82 -22.72
N GLN E 57 -58.12 24.76 -23.49
CA GLN E 57 -59.50 24.64 -23.94
C GLN E 57 -59.68 23.43 -24.86
N TYR E 58 -58.73 23.22 -25.78
CA TYR E 58 -58.82 22.06 -26.66
C TYR E 58 -58.69 20.76 -25.88
N VAL E 59 -57.76 20.70 -24.92
CA VAL E 59 -57.63 19.52 -24.08
C VAL E 59 -58.84 19.36 -23.18
N GLY E 60 -59.28 20.46 -22.56
CA GLY E 60 -60.42 20.44 -21.67
C GLY E 60 -60.13 20.81 -20.23
N LYS E 61 -58.87 21.05 -19.86
CA LYS E 61 -58.57 21.44 -18.49
C LYS E 61 -59.06 22.86 -18.19
N LEU E 62 -59.14 23.71 -19.22
CA LEU E 62 -59.61 25.08 -19.01
C LEU E 62 -61.06 25.12 -18.58
N ALA E 63 -61.85 24.12 -18.97
CA ALA E 63 -63.27 24.07 -18.60
C ALA E 63 -63.39 23.88 -17.10
N GLY E 64 -63.85 24.92 -16.42
CA GLY E 64 -63.97 24.87 -14.96
C GLY E 64 -62.64 24.76 -14.25
N ARG E 65 -61.62 25.40 -14.82
CA ARG E 65 -60.28 25.36 -14.28
C ARG E 65 -60.02 26.55 -13.37
N SER E 73 -60.45 23.04 -0.98
CA SER E 73 -59.89 21.71 -0.81
C SER E 73 -58.37 21.77 -0.74
N THR E 74 -57.85 22.50 0.24
CA THR E 74 -56.41 22.62 0.43
C THR E 74 -55.80 21.41 1.12
N LEU E 75 -56.62 20.49 1.63
CA LEU E 75 -56.08 19.32 2.31
C LEU E 75 -55.27 18.44 1.37
N THR E 76 -55.69 18.33 0.11
CA THR E 76 -54.95 17.49 -0.83
C THR E 76 -53.53 18.04 -1.06
N THR E 77 -53.42 19.33 -1.33
CA THR E 77 -52.09 19.90 -1.57
C THR E 77 -51.28 19.96 -0.28
N VAL E 78 -51.93 20.13 0.87
CA VAL E 78 -51.20 20.08 2.14
C VAL E 78 -50.62 18.69 2.36
N LEU E 79 -51.40 17.64 2.09
CA LEU E 79 -50.91 16.27 2.22
C LEU E 79 -49.79 16.00 1.23
N PHE E 80 -49.92 16.52 0.01
CA PHE E 80 -48.83 16.40 -0.98
C PHE E 80 -47.55 17.05 -0.46
N LEU E 81 -47.66 18.27 0.08
CA LEU E 81 -46.49 18.96 0.60
C LEU E 81 -45.89 18.21 1.78
N VAL E 82 -46.73 17.60 2.61
CA VAL E 82 -46.24 16.81 3.74
C VAL E 82 -45.43 15.61 3.26
N ILE E 83 -45.94 14.90 2.26
CA ILE E 83 -45.20 13.75 1.72
C ILE E 83 -43.89 14.21 1.11
N CYS E 84 -43.91 15.32 0.37
CA CYS E 84 -42.68 15.84 -0.22
C CYS E 84 -41.67 16.24 0.85
N SER E 85 -42.13 16.88 1.93
CA SER E 85 -41.24 17.23 3.01
C SER E 85 -40.64 15.99 3.63
N PHE E 86 -41.45 14.94 3.81
CA PHE E 86 -40.93 13.68 4.34
C PHE E 86 -39.83 13.11 3.46
N ILE E 87 -40.07 13.02 2.15
CA ILE E 87 -39.09 12.39 1.28
C ILE E 87 -37.82 13.23 1.22
N VAL E 88 -37.95 14.56 1.18
CA VAL E 88 -36.75 15.39 1.06
C VAL E 88 -35.94 15.33 2.34
N LEU E 89 -36.61 15.34 3.51
CA LEU E 89 -35.84 15.29 4.76
C LEU E 89 -35.14 13.95 4.91
N GLU E 90 -35.83 12.84 4.58
CA GLU E 90 -35.19 11.54 4.75
C GLU E 90 -34.06 11.35 3.74
N ASN E 91 -34.22 11.85 2.51
CA ASN E 91 -33.16 11.71 1.53
C ASN E 91 -31.95 12.58 1.90
N LEU E 92 -32.20 13.78 2.43
CA LEU E 92 -31.10 14.61 2.92
C LEU E 92 -30.39 13.93 4.09
N MET E 93 -31.14 13.29 4.98
CA MET E 93 -30.54 12.56 6.09
C MET E 93 -29.66 11.42 5.59
N VAL E 94 -30.15 10.67 4.59
CA VAL E 94 -29.37 9.57 4.05
C VAL E 94 -28.10 10.10 3.39
N LEU E 95 -28.22 11.17 2.62
CA LEU E 95 -27.04 11.74 1.95
C LEU E 95 -26.02 12.24 2.96
N ILE E 96 -26.47 12.91 4.03
CA ILE E 96 -25.53 13.42 5.02
C ILE E 96 -24.93 12.27 5.82
N ALA E 97 -25.66 11.18 6.01
CA ALA E 97 -25.10 10.01 6.69
C ALA E 97 -24.01 9.37 5.83
N ILE E 98 -24.23 9.28 4.52
CA ILE E 98 -23.19 8.77 3.63
C ILE E 98 -21.98 9.69 3.63
N TRP E 99 -22.22 11.02 3.60
CA TRP E 99 -21.12 11.97 3.62
C TRP E 99 -20.35 11.91 4.93
N LYS E 100 -21.03 11.56 6.02
CA LYS E 100 -20.38 11.50 7.33
C LYS E 100 -19.24 10.50 7.35
N ASN E 101 -19.42 9.36 6.68
CA ASN E 101 -18.36 8.36 6.59
C ASN E 101 -17.40 8.71 5.46
N ASN E 102 -16.18 8.20 5.59
CA ASN E 102 -15.13 8.48 4.61
C ASN E 102 -14.42 7.24 4.10
N LYS E 103 -14.75 6.05 4.59
CA LYS E 103 -14.09 4.81 4.17
C LYS E 103 -14.73 4.33 2.88
N PHE E 104 -14.39 5.00 1.78
CA PHE E 104 -14.91 4.62 0.46
C PHE E 104 -14.03 3.56 -0.22
N HIS E 105 -13.80 2.45 0.48
CA HIS E 105 -13.19 1.30 -0.17
C HIS E 105 -14.20 0.44 -0.90
N ASN E 106 -15.50 0.71 -0.72
CA ASN E 106 -16.56 -0.01 -1.41
C ASN E 106 -17.14 0.90 -2.48
N ARG E 107 -17.22 0.36 -3.70
CA ARG E 107 -17.74 1.14 -4.82
C ARG E 107 -19.26 1.33 -4.75
N MET E 108 -19.93 0.68 -3.80
CA MET E 108 -21.37 0.86 -3.59
C MET E 108 -21.70 2.23 -3.01
N TYR E 109 -20.75 2.85 -2.30
CA TYR E 109 -21.03 4.11 -1.62
C TYR E 109 -21.33 5.22 -2.61
N PHE E 110 -20.57 5.29 -3.71
CA PHE E 110 -20.82 6.31 -4.72
C PHE E 110 -22.21 6.14 -5.34
N PHE E 111 -22.61 4.90 -5.61
CA PHE E 111 -23.94 4.67 -6.16
C PHE E 111 -25.04 5.07 -5.20
N ILE E 112 -24.87 4.74 -3.90
CA ILE E 112 -25.86 5.15 -2.91
C ILE E 112 -25.95 6.67 -2.82
N GLY E 113 -24.79 7.34 -2.81
CA GLY E 113 -24.80 8.80 -2.78
C GLY E 113 -25.45 9.40 -4.00
N ASN E 114 -25.19 8.83 -5.18
CA ASN E 114 -25.80 9.34 -6.40
C ASN E 114 -27.31 9.15 -6.38
N LEU E 115 -27.79 7.99 -5.90
CA LEU E 115 -29.23 7.77 -5.80
C LEU E 115 -29.87 8.75 -4.83
N ALA E 116 -29.22 8.99 -3.68
CA ALA E 116 -29.74 9.96 -2.73
C ALA E 116 -29.78 11.36 -3.32
N LEU E 117 -28.75 11.74 -4.07
CA LEU E 117 -28.72 13.05 -4.71
C LEU E 117 -29.83 13.19 -5.73
N CYS E 118 -30.05 12.15 -6.55
CA CYS E 118 -31.13 12.22 -7.54
C CYS E 118 -32.49 12.33 -6.85
N ASP E 119 -32.68 11.59 -5.77
CA ASP E 119 -33.96 11.68 -5.04
C ASP E 119 -34.13 13.06 -4.41
N LEU E 120 -33.05 13.65 -3.89
CA LEU E 120 -33.14 14.98 -3.32
C LEU E 120 -33.49 16.03 -4.37
N LEU E 121 -32.86 15.93 -5.55
CA LEU E 121 -33.20 16.84 -6.64
C LEU E 121 -34.64 16.65 -7.08
N ALA E 122 -35.11 15.41 -7.13
CA ALA E 122 -36.52 15.17 -7.46
C ALA E 122 -37.44 15.82 -6.44
N GLY E 123 -37.11 15.67 -5.15
CA GLY E 123 -37.93 16.26 -4.12
C GLY E 123 -37.99 17.78 -4.24
N ILE E 124 -36.82 18.41 -4.42
CA ILE E 124 -36.77 19.88 -4.50
C ILE E 124 -37.50 20.38 -5.75
N ALA E 125 -37.29 19.72 -6.89
CA ALA E 125 -37.95 20.13 -8.11
C ALA E 125 -39.47 20.02 -7.97
N TYR E 126 -39.95 18.93 -7.37
CA TYR E 126 -41.39 18.79 -7.28
C TYR E 126 -41.95 19.70 -6.19
N LYS E 127 -41.14 20.09 -5.21
CA LYS E 127 -41.50 21.20 -4.32
C LYS E 127 -41.80 22.44 -5.14
N VAL E 128 -40.87 22.79 -6.03
CA VAL E 128 -41.07 23.97 -6.88
C VAL E 128 -42.34 23.81 -7.71
N ASN E 129 -42.57 22.61 -8.24
CA ASN E 129 -43.75 22.36 -9.04
C ASN E 129 -45.03 22.59 -8.23
N ILE E 130 -45.14 21.95 -7.07
CA ILE E 130 -46.37 22.01 -6.29
C ILE E 130 -46.61 23.41 -5.76
N LEU E 131 -45.54 24.13 -5.40
CA LEU E 131 -45.70 25.49 -4.89
C LEU E 131 -46.10 26.45 -6.00
N MET E 132 -45.34 26.50 -7.07
CA MET E 132 -45.61 27.36 -8.23
C MET E 132 -46.84 26.94 -9.02
N SER E 133 -47.04 25.64 -9.09
CA SER E 133 -48.04 25.02 -9.94
C SER E 133 -49.55 25.22 -9.88
N GLY E 134 -50.14 25.38 -8.71
CA GLY E 134 -51.59 25.43 -8.68
C GLY E 134 -52.44 26.48 -9.39
N LYS E 135 -52.10 27.76 -9.30
CA LYS E 135 -52.93 28.78 -9.99
C LYS E 135 -52.16 29.77 -10.86
N LYS E 136 -50.88 29.50 -11.06
CA LYS E 136 -50.01 30.39 -11.81
C LYS E 136 -49.82 29.94 -13.25
N THR E 137 -50.65 29.00 -13.68
CA THR E 137 -50.61 28.44 -15.03
C THR E 137 -50.88 29.41 -16.17
N PHE E 138 -51.82 30.33 -15.97
CA PHE E 138 -52.19 31.29 -17.00
C PHE E 138 -51.39 32.58 -16.90
N SER E 139 -51.06 33.01 -15.67
CA SER E 139 -50.41 34.29 -15.47
C SER E 139 -48.94 34.31 -15.87
N LEU E 140 -48.35 33.15 -16.13
CA LEU E 140 -46.92 33.05 -16.42
C LEU E 140 -46.67 32.65 -17.87
N SER E 141 -45.50 33.02 -18.37
CA SER E 141 -45.12 32.72 -19.75
C SER E 141 -44.86 31.22 -19.90
N PRO E 142 -44.96 30.71 -21.14
CA PRO E 142 -44.74 29.27 -21.34
C PRO E 142 -43.33 28.80 -20.99
N THR E 143 -42.34 29.70 -20.97
CA THR E 143 -40.96 29.26 -20.76
C THR E 143 -40.75 28.70 -19.35
N VAL E 144 -41.34 29.33 -18.34
CA VAL E 144 -41.20 28.80 -16.98
C VAL E 144 -41.92 27.47 -16.83
N TRP E 145 -43.00 27.34 -17.61
CA TRP E 145 -43.78 26.12 -17.61
C TRP E 145 -42.89 25.00 -18.13
N PHE E 146 -42.25 25.25 -19.26
CA PHE E 146 -41.34 24.31 -19.90
C PHE E 146 -40.17 23.96 -18.99
N LEU E 147 -39.63 24.96 -18.30
CA LEU E 147 -38.55 24.70 -17.34
C LEU E 147 -39.02 23.77 -16.23
N ARG E 148 -40.25 24.00 -15.78
CA ARG E 148 -40.85 23.22 -14.70
C ARG E 148 -40.98 21.75 -15.08
N GLU E 149 -41.49 21.49 -16.28
CA GLU E 149 -41.66 20.12 -16.78
C GLU E 149 -40.32 19.47 -17.11
N GLY E 150 -39.37 20.26 -17.63
CA GLY E 150 -38.04 19.73 -17.87
C GLY E 150 -37.34 19.30 -16.58
N SER E 151 -37.51 20.08 -15.52
CA SER E 151 -36.98 19.69 -14.22
C SER E 151 -37.64 18.40 -13.73
N MET E 152 -38.96 18.24 -13.94
CA MET E 152 -39.57 17.00 -13.50
C MET E 152 -38.99 15.84 -14.27
N PHE E 153 -38.88 15.95 -15.58
CA PHE E 153 -38.38 14.82 -16.34
C PHE E 153 -36.92 14.52 -16.00
N VAL E 154 -36.08 15.55 -15.83
CA VAL E 154 -34.70 15.34 -15.45
C VAL E 154 -34.62 14.59 -14.12
N ALA E 155 -35.38 15.06 -13.13
CA ALA E 155 -35.33 14.46 -11.80
C ALA E 155 -35.81 13.01 -11.83
N LEU E 156 -37.00 12.69 -12.30
CA LEU E 156 -37.38 11.31 -12.14
C LEU E 156 -36.35 10.53 -12.83
N GLY E 157 -35.83 10.96 -13.96
CA GLY E 157 -34.77 10.26 -14.67
C GLY E 157 -33.54 10.05 -13.80
N ALA E 158 -33.17 10.99 -12.92
CA ALA E 158 -32.07 10.80 -11.94
C ALA E 158 -32.40 9.69 -10.99
N SER E 159 -33.60 9.69 -10.45
CA SER E 159 -33.94 8.61 -9.58
C SER E 159 -33.96 7.29 -10.30
N THR E 160 -34.47 7.20 -11.52
CA THR E 160 -34.60 5.89 -12.14
C THR E 160 -33.37 5.48 -12.86
N CYS E 161 -32.39 6.34 -13.06
CA CYS E 161 -31.26 5.87 -13.85
C CYS E 161 -30.19 5.62 -12.95
N SER E 162 -30.51 5.83 -11.75
CA SER E 162 -29.60 5.44 -10.68
C SER E 162 -29.82 3.98 -10.28
N LEU E 163 -31.08 3.54 -10.25
CA LEU E 163 -31.37 2.14 -9.96
C LEU E 163 -30.84 1.22 -11.04
N LEU E 164 -30.94 1.64 -12.31
CA LEU E 164 -30.35 0.83 -13.38
C LEU E 164 -28.84 0.73 -13.21
N ALA E 165 -28.19 1.83 -12.86
CA ALA E 165 -26.73 1.81 -12.67
C ALA E 165 -26.34 0.90 -11.51
N ILE E 166 -27.06 0.99 -10.38
CA ILE E 166 -26.72 0.15 -9.23
C ILE E 166 -26.99 -1.32 -9.53
N ALA E 167 -28.06 -1.60 -10.28
CA ALA E 167 -28.32 -2.99 -10.69
C ALA E 167 -27.21 -3.52 -11.58
N ILE E 168 -26.73 -2.69 -12.52
CA ILE E 168 -25.64 -3.10 -13.39
C ILE E 168 -24.39 -3.38 -12.57
N GLU E 169 -24.08 -2.50 -11.61
CA GLU E 169 -22.90 -2.69 -10.78
C GLU E 169 -23.01 -3.97 -9.95
N ARG E 170 -24.19 -4.23 -9.37
CA ARG E 170 -24.37 -5.44 -8.58
C ARG E 170 -24.25 -6.69 -9.44
N HIS E 171 -24.82 -6.66 -10.65
CA HIS E 171 -24.76 -7.83 -11.52
C HIS E 171 -23.35 -8.10 -12.02
N LEU E 172 -22.57 -7.05 -12.28
CA LEU E 172 -21.22 -7.23 -12.77
C LEU E 172 -20.22 -7.53 -11.65
N THR E 173 -20.53 -7.14 -10.41
CA THR E 173 -19.67 -7.53 -9.30
C THR E 173 -19.88 -8.98 -8.91
N MET E 174 -21.13 -9.46 -8.98
CA MET E 174 -21.49 -10.81 -8.57
C MET E 174 -21.39 -11.82 -9.72
N ILE E 175 -20.58 -11.53 -10.73
CA ILE E 175 -20.42 -12.47 -11.85
C ILE E 175 -18.96 -12.87 -12.08
N LYS E 176 -17.98 -12.13 -11.56
CA LYS E 176 -16.57 -12.46 -11.72
C LYS E 176 -16.05 -13.02 -10.41
N MET E 177 -15.42 -14.20 -10.47
CA MET E 177 -14.95 -14.89 -9.27
C MET E 177 -13.60 -14.30 -8.86
N ARG E 178 -13.66 -13.09 -8.30
CA ARG E 178 -12.47 -12.40 -7.83
C ARG E 178 -12.34 -12.59 -6.32
N PRO E 179 -11.33 -13.31 -5.84
CA PRO E 179 -11.17 -13.45 -4.38
C PRO E 179 -10.98 -12.13 -3.66
N TYR E 180 -10.31 -11.16 -4.30
CA TYR E 180 -10.09 -9.85 -3.71
C TYR E 180 -10.40 -8.78 -4.73
N ASP E 181 -10.71 -7.59 -4.24
CA ASP E 181 -11.05 -6.48 -5.11
C ASP E 181 -9.82 -6.01 -5.89
N ALA E 182 -10.03 -5.68 -7.16
CA ALA E 182 -8.97 -5.18 -8.02
C ALA E 182 -8.86 -3.66 -8.03
N ASN E 183 -9.78 -2.97 -7.35
CA ASN E 183 -9.76 -1.51 -7.22
C ASN E 183 -9.78 -0.83 -8.59
N LYS E 184 -10.85 -1.05 -9.33
CA LYS E 184 -11.10 -0.38 -10.59
C LYS E 184 -12.13 0.71 -10.39
N ARG E 185 -11.77 1.94 -10.74
CA ARG E 185 -12.61 3.10 -10.48
C ARG E 185 -13.18 3.74 -11.73
N HIS E 186 -12.85 3.23 -12.92
CA HIS E 186 -13.40 3.80 -14.14
C HIS E 186 -14.91 3.59 -14.24
N ARG E 187 -15.38 2.40 -13.86
CA ARG E 187 -16.77 2.02 -14.11
C ARG E 187 -17.74 2.88 -13.28
N VAL E 188 -17.41 3.14 -12.02
CA VAL E 188 -18.34 3.86 -11.14
C VAL E 188 -18.58 5.28 -11.65
N PHE E 189 -17.48 6.01 -11.91
CA PHE E 189 -17.61 7.36 -12.43
C PHE E 189 -18.24 7.36 -13.81
N LEU E 190 -17.90 6.37 -14.65
CA LEU E 190 -18.51 6.28 -15.97
C LEU E 190 -20.02 6.14 -15.86
N LEU E 191 -20.49 5.26 -14.97
CA LEU E 191 -21.93 5.05 -14.84
C LEU E 191 -22.63 6.27 -14.25
N ILE E 192 -22.01 6.92 -13.26
CA ILE E 192 -22.62 8.12 -12.68
C ILE E 192 -22.75 9.21 -13.74
N GLY E 193 -21.67 9.47 -14.48
CA GLY E 193 -21.72 10.46 -15.53
C GLY E 193 -22.73 10.09 -16.61
N MET E 194 -22.80 8.81 -16.97
CA MET E 194 -23.73 8.38 -18.00
C MET E 194 -25.17 8.59 -17.57
N CYS E 195 -25.51 8.21 -16.33
CA CYS E 195 -26.89 8.37 -15.88
C CYS E 195 -27.26 9.85 -15.78
N TRP E 196 -26.34 10.68 -15.26
CA TRP E 196 -26.65 12.11 -15.18
C TRP E 196 -26.81 12.72 -16.56
N LEU E 197 -25.95 12.33 -17.51
CA LEU E 197 -26.05 12.85 -18.87
C LEU E 197 -27.34 12.40 -19.54
N ILE E 198 -27.75 11.15 -19.32
CA ILE E 198 -29.00 10.67 -19.91
C ILE E 198 -30.18 11.43 -19.33
N ALA E 199 -30.18 11.65 -18.01
CA ALA E 199 -31.26 12.42 -17.40
C ALA E 199 -31.33 13.83 -17.96
N PHE E 200 -30.18 14.49 -18.09
CA PHE E 200 -30.16 15.86 -18.61
C PHE E 200 -30.60 15.91 -20.07
N THR E 201 -30.16 14.93 -20.87
CA THR E 201 -30.54 14.90 -22.28
C THR E 201 -32.04 14.66 -22.44
N LEU E 202 -32.61 13.74 -21.65
CA LEU E 202 -34.02 13.43 -21.75
C LEU E 202 -34.91 14.52 -21.20
N GLY E 203 -34.44 15.29 -20.21
CA GLY E 203 -35.27 16.32 -19.63
C GLY E 203 -35.53 17.48 -20.56
N ALA E 204 -34.52 17.90 -21.33
CA ALA E 204 -34.61 19.09 -22.17
C ALA E 204 -34.86 18.76 -23.63
N LEU E 205 -35.24 17.51 -23.93
CA LEU E 205 -35.53 17.13 -25.31
C LEU E 205 -36.68 17.90 -25.93
N PRO E 206 -37.87 18.02 -25.30
CA PRO E 206 -39.00 18.64 -26.01
C PRO E 206 -38.79 20.10 -26.35
N ILE E 207 -38.04 20.84 -25.55
CA ILE E 207 -37.90 22.29 -25.75
C ILE E 207 -36.91 22.57 -26.86
N LEU E 208 -36.37 21.51 -27.47
CA LEU E 208 -35.54 21.61 -28.67
C LEU E 208 -36.19 20.91 -29.86
N GLY E 209 -37.51 21.01 -29.99
CA GLY E 209 -38.15 20.57 -31.22
C GLY E 209 -39.46 19.83 -31.11
N TRP E 210 -39.72 19.19 -29.97
CA TRP E 210 -40.91 18.34 -29.82
C TRP E 210 -41.94 19.07 -28.98
N ASN E 211 -43.02 19.50 -29.62
CA ASN E 211 -44.12 20.21 -28.98
C ASN E 211 -45.34 20.10 -29.88
N CYS E 212 -46.48 20.59 -29.38
CA CYS E 212 -47.72 20.62 -30.15
C CYS E 212 -48.27 22.03 -30.30
N LEU E 213 -47.41 23.05 -30.15
CA LEU E 213 -47.86 24.44 -30.21
C LEU E 213 -48.46 24.80 -31.56
N HIS E 214 -48.16 24.03 -32.61
CA HIS E 214 -48.74 24.26 -33.93
C HIS E 214 -49.53 23.06 -34.42
N ASN E 215 -49.88 22.14 -33.53
CA ASN E 215 -50.67 20.95 -33.90
C ASN E 215 -51.50 20.57 -32.67
N LEU E 216 -52.77 20.99 -32.67
CA LEU E 216 -53.63 20.74 -31.50
C LEU E 216 -53.84 19.26 -31.21
N PRO E 217 -54.25 18.41 -32.16
CA PRO E 217 -54.55 17.02 -31.79
C PRO E 217 -53.35 16.22 -31.30
N ASP E 218 -52.15 16.51 -31.78
CA ASP E 218 -51.01 15.62 -31.57
C ASP E 218 -50.23 15.99 -30.31
N CYS E 219 -50.95 15.99 -29.19
CA CYS E 219 -50.32 16.08 -27.87
C CYS E 219 -51.34 15.66 -26.81
N SER E 220 -50.83 15.37 -25.63
CA SER E 220 -51.55 14.61 -24.62
C SER E 220 -52.57 15.48 -23.88
N THR E 221 -53.39 14.79 -23.08
CA THR E 221 -54.36 15.44 -22.19
C THR E 221 -53.75 15.79 -20.83
N ILE E 222 -52.87 14.94 -20.31
CA ILE E 222 -52.23 15.22 -19.03
C ILE E 222 -51.39 16.48 -19.09
N LEU E 223 -50.71 16.71 -20.22
CA LEU E 223 -49.94 17.93 -20.43
C LEU E 223 -50.23 18.46 -21.83
N PRO E 224 -50.93 19.59 -21.94
CA PRO E 224 -51.39 20.05 -23.26
C PRO E 224 -50.30 20.59 -24.16
N LEU E 225 -49.03 20.59 -23.72
CA LEU E 225 -47.92 21.02 -24.57
C LEU E 225 -46.84 19.94 -24.57
N TYR E 226 -47.26 18.68 -24.71
CA TYR E 226 -46.35 17.54 -24.76
C TYR E 226 -46.87 16.54 -25.78
N SER E 227 -46.10 16.34 -26.85
CA SER E 227 -46.52 15.46 -27.93
C SER E 227 -46.58 14.01 -27.47
N LYS E 228 -47.39 13.22 -28.18
CA LYS E 228 -47.60 11.83 -27.79
C LYS E 228 -46.34 10.99 -27.99
N LYS E 229 -45.53 11.32 -29.01
CA LYS E 229 -44.34 10.52 -29.28
C LYS E 229 -43.32 10.61 -28.14
N TYR E 230 -43.23 11.77 -27.49
CA TYR E 230 -42.34 11.89 -26.35
C TYR E 230 -42.77 10.98 -25.20
N ILE E 231 -44.09 10.91 -24.95
CA ILE E 231 -44.60 10.01 -23.92
C ILE E 231 -44.38 8.55 -24.31
N ALA E 232 -44.49 8.25 -25.60
CA ALA E 232 -44.19 6.89 -26.06
C ALA E 232 -42.73 6.54 -25.83
N PHE E 233 -41.83 7.49 -26.09
CA PHE E 233 -40.41 7.26 -25.83
C PHE E 233 -40.16 7.06 -24.33
N CYS E 234 -40.83 7.84 -23.49
CA CYS E 234 -40.71 7.66 -22.05
C CYS E 234 -41.20 6.28 -21.63
N ILE E 235 -42.31 5.82 -22.21
CA ILE E 235 -42.83 4.49 -21.92
C ILE E 235 -41.81 3.43 -22.31
N SER E 236 -41.22 3.58 -23.50
CA SER E 236 -40.24 2.61 -23.98
C SER E 236 -39.02 2.54 -23.07
N ILE E 237 -38.48 3.70 -22.69
CA ILE E 237 -37.28 3.70 -21.86
C ILE E 237 -37.60 3.15 -20.46
N PHE E 238 -38.79 3.48 -19.93
CA PHE E 238 -39.16 2.96 -18.62
C PHE E 238 -39.30 1.44 -18.63
N THR E 239 -39.99 0.91 -19.65
CA THR E 239 -40.15 -0.54 -19.70
C THR E 239 -38.83 -1.26 -19.97
N ALA E 240 -37.94 -0.64 -20.77
CA ALA E 240 -36.63 -1.22 -20.98
C ALA E 240 -35.84 -1.29 -19.67
N ILE E 241 -35.88 -0.21 -18.89
CA ILE E 241 -35.16 -0.18 -17.61
C ILE E 241 -35.76 -1.23 -16.66
N LEU E 242 -37.09 -1.32 -16.61
CA LEU E 242 -37.73 -2.30 -15.74
C LEU E 242 -37.34 -3.73 -16.11
N VAL E 243 -37.40 -4.05 -17.40
CA VAL E 243 -37.06 -5.40 -17.85
C VAL E 243 -35.60 -5.71 -17.57
N THR E 244 -34.72 -4.74 -17.82
CA THR E 244 -33.29 -4.96 -17.56
C THR E 244 -33.03 -5.19 -16.09
N ILE E 245 -33.67 -4.41 -15.22
CA ILE E 245 -33.48 -4.59 -13.78
C ILE E 245 -33.98 -5.95 -13.33
N VAL E 246 -35.14 -6.37 -13.84
CA VAL E 246 -35.69 -7.67 -13.48
C VAL E 246 -34.75 -8.79 -13.91
N ILE E 247 -34.23 -8.72 -15.15
CA ILE E 247 -33.34 -9.76 -15.62
C ILE E 247 -32.03 -9.77 -14.84
N LEU E 248 -31.51 -8.58 -14.49
CA LEU E 248 -30.27 -8.53 -13.72
C LEU E 248 -30.45 -9.12 -12.33
N TYR E 249 -31.58 -8.85 -11.68
CA TYR E 249 -31.81 -9.40 -10.34
C TYR E 249 -32.31 -10.84 -10.34
N ALA E 250 -32.71 -11.37 -11.51
CA ALA E 250 -33.17 -12.75 -11.59
C ALA E 250 -32.08 -13.72 -12.05
N ARG E 251 -30.81 -13.38 -11.83
CA ARG E 251 -29.72 -14.28 -12.16
C ARG E 251 -28.77 -14.48 -10.99
N ILE E 252 -28.65 -13.46 -10.13
CA ILE E 252 -27.79 -13.56 -8.96
C ILE E 252 -28.31 -14.65 -8.02
N TYR E 253 -29.63 -14.68 -7.79
CA TYR E 253 -30.21 -15.70 -6.94
C TYR E 253 -30.02 -17.09 -7.54
N PHE E 254 -30.18 -17.23 -8.85
CA PHE E 254 -29.97 -18.52 -9.49
C PHE E 254 -28.54 -18.99 -9.31
N LEU E 255 -27.56 -18.10 -9.53
CA LEU E 255 -26.16 -18.47 -9.36
C LEU E 255 -25.88 -18.87 -7.91
N VAL E 256 -26.37 -18.08 -6.95
CA VAL E 256 -26.10 -18.36 -5.55
C VAL E 256 -26.71 -19.70 -5.13
N LYS E 257 -27.95 -19.94 -5.54
CA LYS E 257 -28.60 -21.19 -5.18
C LYS E 257 -27.90 -22.39 -5.82
N SER E 258 -27.51 -22.26 -7.09
CA SER E 258 -26.82 -23.36 -7.77
C SER E 258 -25.48 -23.66 -7.10
N SER E 259 -24.76 -22.62 -6.69
CA SER E 259 -23.47 -22.85 -6.05
C SER E 259 -23.64 -23.42 -4.65
N SER E 260 -24.62 -22.95 -3.89
CA SER E 260 -24.83 -23.44 -2.54
C SER E 260 -25.47 -24.83 -2.51
N ARG E 261 -26.06 -25.28 -3.61
CA ARG E 261 -26.63 -26.62 -3.64
C ARG E 261 -25.54 -27.69 -3.56
N LYS E 262 -24.36 -27.41 -4.13
CA LYS E 262 -23.30 -28.42 -4.16
C LYS E 262 -22.84 -28.80 -2.76
N VAL E 263 -22.68 -27.82 -1.88
CA VAL E 263 -22.30 -28.07 -0.48
C VAL E 263 -23.46 -27.55 0.37
N ALA E 264 -24.20 -28.46 0.98
CA ALA E 264 -25.43 -28.13 1.69
C ALA E 264 -25.15 -27.99 3.18
N ASN E 265 -25.22 -26.76 3.68
CA ASN E 265 -25.14 -26.46 5.11
C ASN E 265 -26.35 -25.63 5.51
N HIS E 266 -26.43 -25.32 6.81
CA HIS E 266 -27.51 -24.46 7.30
C HIS E 266 -27.31 -23.02 6.86
N ASN E 267 -26.07 -22.53 6.89
CA ASN E 267 -25.80 -21.16 6.51
C ASN E 267 -26.14 -20.93 5.03
N ASN E 268 -25.76 -21.85 4.16
CA ASN E 268 -26.09 -21.71 2.75
C ASN E 268 -27.61 -21.78 2.54
N SER E 269 -28.29 -22.67 3.25
CA SER E 269 -29.73 -22.82 3.09
C SER E 269 -30.48 -21.57 3.53
N GLU E 270 -30.03 -20.91 4.60
CA GLU E 270 -30.67 -19.66 4.99
C GLU E 270 -30.26 -18.51 4.10
N ARG E 271 -29.01 -18.52 3.60
CA ARG E 271 -28.56 -17.45 2.71
C ARG E 271 -29.36 -17.43 1.42
N SER E 272 -29.62 -18.61 0.84
CA SER E 272 -30.39 -18.66 -0.40
C SER E 272 -31.81 -18.13 -0.21
N MET E 273 -32.47 -18.55 0.87
CA MET E 273 -33.83 -18.13 1.13
C MET E 273 -33.94 -16.69 1.62
N ALA E 274 -32.84 -16.10 2.08
CA ALA E 274 -32.85 -14.67 2.38
C ALA E 274 -32.55 -13.82 1.16
N LEU E 275 -31.65 -14.29 0.29
CA LEU E 275 -31.40 -13.59 -0.96
C LEU E 275 -32.64 -13.58 -1.84
N LEU E 276 -33.37 -14.70 -1.88
CA LEU E 276 -34.63 -14.73 -2.62
C LEU E 276 -35.61 -13.70 -2.08
N ARG E 277 -35.75 -13.62 -0.75
CA ARG E 277 -36.66 -12.64 -0.15
C ARG E 277 -36.23 -11.23 -0.50
N THR E 278 -34.93 -10.94 -0.41
CA THR E 278 -34.45 -9.59 -0.71
C THR E 278 -34.72 -9.21 -2.16
N VAL E 279 -34.45 -10.13 -3.10
CA VAL E 279 -34.67 -9.85 -4.51
C VAL E 279 -36.15 -9.62 -4.79
N VAL E 280 -37.01 -10.49 -4.25
CA VAL E 280 -38.45 -10.34 -4.49
C VAL E 280 -38.95 -9.02 -3.90
N ILE E 281 -38.51 -8.67 -2.69
CA ILE E 281 -38.94 -7.42 -2.08
C ILE E 281 -38.51 -6.23 -2.93
N VAL E 282 -37.25 -6.23 -3.39
CA VAL E 282 -36.74 -5.12 -4.18
C VAL E 282 -37.58 -4.96 -5.45
N VAL E 283 -37.77 -6.07 -6.19
CA VAL E 283 -38.50 -5.99 -7.46
C VAL E 283 -39.94 -5.56 -7.23
N SER E 284 -40.60 -6.14 -6.22
CA SER E 284 -42.01 -5.82 -5.98
C SER E 284 -42.19 -4.36 -5.58
N VAL E 285 -41.32 -3.84 -4.70
CA VAL E 285 -41.45 -2.45 -4.27
C VAL E 285 -41.16 -1.51 -5.44
N PHE E 286 -40.16 -1.83 -6.25
CA PHE E 286 -39.87 -0.98 -7.39
C PHE E 286 -41.04 -0.95 -8.38
N ILE E 287 -41.65 -2.10 -8.63
CA ILE E 287 -42.75 -2.16 -9.61
C ILE E 287 -44.00 -1.47 -9.07
N ALA E 288 -44.35 -1.74 -7.81
CA ALA E 288 -45.64 -1.33 -7.27
C ALA E 288 -45.84 0.18 -7.23
N CYS E 289 -44.77 0.96 -7.35
CA CYS E 289 -44.87 2.42 -7.32
C CYS E 289 -44.85 3.04 -8.71
N TRP E 290 -44.05 2.50 -9.63
CA TRP E 290 -43.94 3.09 -10.96
C TRP E 290 -44.92 2.52 -11.97
N SER E 291 -45.46 1.31 -11.75
CA SER E 291 -46.34 0.71 -12.75
C SER E 291 -47.61 1.51 -13.01
N PRO E 292 -48.39 1.93 -12.01
CA PRO E 292 -49.66 2.62 -12.32
C PRO E 292 -49.49 3.93 -13.07
N LEU E 293 -48.42 4.68 -12.81
CA LEU E 293 -48.22 5.95 -13.50
C LEU E 293 -48.01 5.73 -14.99
N PHE E 294 -47.19 4.74 -15.36
CA PHE E 294 -46.96 4.49 -16.78
C PHE E 294 -48.13 3.74 -17.41
N ILE E 295 -48.91 3.00 -16.62
CA ILE E 295 -50.18 2.47 -17.14
C ILE E 295 -51.11 3.62 -17.52
N LEU E 296 -51.17 4.65 -16.67
CA LEU E 296 -51.95 5.84 -17.00
C LEU E 296 -51.38 6.53 -18.24
N PHE E 297 -50.06 6.60 -18.34
CA PHE E 297 -49.45 7.22 -19.53
C PHE E 297 -49.83 6.47 -20.80
N LEU E 298 -49.76 5.15 -20.78
CA LEU E 298 -50.06 4.37 -21.98
C LEU E 298 -51.54 4.47 -22.32
N ILE E 299 -52.42 4.42 -21.32
CA ILE E 299 -53.85 4.54 -21.62
C ILE E 299 -54.16 5.93 -22.14
N ASP E 300 -53.47 6.97 -21.64
CA ASP E 300 -53.62 8.31 -22.20
C ASP E 300 -53.18 8.35 -23.65
N VAL E 301 -52.08 7.66 -23.98
CA VAL E 301 -51.64 7.57 -25.36
C VAL E 301 -52.72 6.91 -26.21
N ALA E 302 -53.33 5.83 -25.71
CA ALA E 302 -54.42 5.19 -26.41
C ALA E 302 -55.68 6.04 -26.42
N CYS E 303 -55.94 6.74 -25.31
CA CYS E 303 -57.16 7.53 -25.19
C CYS E 303 -57.06 8.82 -26.01
N ARG E 304 -58.21 9.43 -26.26
CA ARG E 304 -58.32 10.68 -26.99
C ARG E 304 -58.70 11.81 -26.03
N VAL E 305 -58.67 13.03 -26.55
CA VAL E 305 -59.06 14.19 -25.76
C VAL E 305 -60.57 14.18 -25.53
N GLN E 306 -60.98 14.72 -24.38
CA GLN E 306 -62.40 14.81 -24.00
C GLN E 306 -63.06 13.43 -23.95
N ALA E 307 -62.28 12.39 -23.67
CA ALA E 307 -62.79 11.03 -23.65
C ALA E 307 -62.65 10.35 -22.30
N CYS E 308 -61.47 10.43 -21.67
CA CYS E 308 -61.22 9.71 -20.44
C CYS E 308 -61.26 10.66 -19.25
N PRO E 309 -62.30 10.62 -18.41
CA PRO E 309 -62.32 11.48 -17.22
C PRO E 309 -61.21 11.19 -16.23
N ILE E 310 -60.73 9.94 -16.17
CA ILE E 310 -59.73 9.55 -15.19
C ILE E 310 -58.45 10.37 -15.34
N LEU E 311 -58.18 10.88 -16.53
CA LEU E 311 -56.99 11.69 -16.75
C LEU E 311 -57.00 12.98 -15.95
N PHE E 312 -58.17 13.39 -15.44
CA PHE E 312 -58.25 14.55 -14.58
C PHE E 312 -57.83 14.27 -13.14
N LYS E 313 -57.60 13.01 -12.79
CA LYS E 313 -57.11 12.63 -11.47
C LYS E 313 -55.67 12.15 -11.51
N ALA E 314 -54.92 12.52 -12.56
CA ALA E 314 -53.57 12.00 -12.76
C ALA E 314 -52.65 12.33 -11.59
N GLN E 315 -52.92 13.44 -10.89
CA GLN E 315 -52.09 13.79 -9.73
C GLN E 315 -52.07 12.67 -8.70
N TRP E 316 -53.20 11.99 -8.52
CA TRP E 316 -53.28 10.89 -7.56
C TRP E 316 -52.25 9.80 -7.85
N PHE E 317 -51.81 9.67 -9.10
CA PHE E 317 -50.78 8.71 -9.44
C PHE E 317 -49.38 9.28 -9.30
N ILE E 318 -49.20 10.59 -9.57
CA ILE E 318 -47.86 11.17 -9.56
C ILE E 318 -47.25 11.07 -8.17
N VAL E 319 -48.04 11.35 -7.13
CA VAL E 319 -47.55 11.24 -5.77
C VAL E 319 -47.07 9.81 -5.49
N LEU E 320 -47.70 8.82 -6.14
CA LEU E 320 -47.25 7.44 -5.98
C LEU E 320 -45.82 7.28 -6.48
N ALA E 321 -45.49 7.90 -7.62
CA ALA E 321 -44.09 7.93 -8.05
C ALA E 321 -43.25 8.64 -7.01
N VAL E 322 -43.77 9.71 -6.43
CA VAL E 322 -43.12 10.37 -5.31
C VAL E 322 -42.90 9.38 -4.17
N LEU E 323 -43.88 8.50 -3.94
CA LEU E 323 -43.73 7.50 -2.89
C LEU E 323 -42.58 6.53 -3.18
N ASN E 324 -42.21 6.36 -4.45
CA ASN E 324 -41.05 5.53 -4.76
C ASN E 324 -39.76 6.17 -4.25
N SER E 325 -39.72 7.51 -4.19
CA SER E 325 -38.60 8.18 -3.55
C SER E 325 -38.66 8.08 -2.04
N ALA E 326 -39.75 7.55 -1.48
CA ALA E 326 -39.89 7.33 -0.05
C ALA E 326 -39.44 5.94 0.39
N MET E 327 -39.09 5.07 -0.56
CA MET E 327 -38.71 3.70 -0.23
C MET E 327 -37.33 3.31 -0.75
N ASN E 328 -36.76 4.05 -1.71
CA ASN E 328 -35.45 3.68 -2.23
C ASN E 328 -34.35 3.68 -1.17
N PRO E 329 -34.19 4.70 -0.32
CA PRO E 329 -33.19 4.60 0.75
C PRO E 329 -33.58 3.63 1.86
N VAL E 330 -34.87 3.31 1.99
CA VAL E 330 -35.28 2.34 3.00
C VAL E 330 -34.79 0.95 2.63
N ILE E 331 -34.78 0.62 1.34
CA ILE E 331 -34.40 -0.71 0.89
C ILE E 331 -32.90 -0.76 0.58
N TYR E 332 -32.44 0.15 -0.28
CA TYR E 332 -31.07 0.08 -0.76
C TYR E 332 -30.04 0.40 0.32
N THR E 333 -30.46 0.91 1.47
CA THR E 333 -29.54 1.24 2.56
C THR E 333 -29.87 0.53 3.86
N LEU E 334 -31.16 0.43 4.23
CA LEU E 334 -31.56 -0.13 5.51
C LEU E 334 -31.94 -1.60 5.43
N ALA E 335 -31.71 -2.25 4.29
CA ALA E 335 -31.99 -3.67 4.11
C ALA E 335 -30.71 -4.44 3.79
N SER E 336 -29.62 -4.09 4.47
CA SER E 336 -28.36 -4.79 4.31
C SER E 336 -27.55 -4.59 5.59
N LYS E 337 -26.87 -5.65 6.03
CA LYS E 337 -26.23 -5.63 7.34
C LYS E 337 -25.14 -4.57 7.41
N GLU E 338 -24.27 -4.51 6.40
CA GLU E 338 -23.14 -3.59 6.44
C GLU E 338 -23.61 -2.14 6.47
N MET E 339 -24.52 -1.78 5.54
CA MET E 339 -25.04 -0.42 5.51
C MET E 339 -25.83 -0.09 6.76
N ARG E 340 -26.60 -1.06 7.28
CA ARG E 340 -27.36 -0.81 8.50
C ARG E 340 -26.45 -0.51 9.67
N ARG E 341 -25.37 -1.27 9.83
CA ARG E 341 -24.41 -0.99 10.89
C ARG E 341 -23.71 0.35 10.67
N ALA E 342 -23.35 0.65 9.42
CA ALA E 342 -22.68 1.92 9.14
C ALA E 342 -23.59 3.11 9.40
N PHE E 343 -24.89 2.94 9.23
CA PHE E 343 -25.85 4.02 9.45
C PHE E 343 -26.20 4.19 10.93
N PHE E 344 -26.41 3.09 11.65
CA PHE E 344 -26.78 3.18 13.06
C PHE E 344 -25.57 3.38 13.96
N ARG E 345 -24.35 3.19 13.46
CA ARG E 345 -23.18 3.39 14.29
C ARG E 345 -22.92 4.88 14.55
N LEU E 346 -23.10 5.71 13.53
CA LEU E 346 -22.87 7.14 13.67
C LEU E 346 -24.17 7.92 13.49
P22 J89 F . -51.15 22.34 -13.59
C01 J89 F . -38.27 8.06 -16.27
C02 J89 F . -39.33 8.96 -16.92
C03 J89 F . -39.72 10.01 -15.91
C04 J89 F . -41.21 10.32 -15.83
C05 J89 F . -41.53 11.13 -14.59
C06 J89 F . -43.00 11.53 -14.57
C07 J89 F . -43.23 13.01 -14.40
C08 J89 F . -44.37 13.51 -15.28
C09 J89 F . -45.01 14.75 -14.67
C10 J89 F . -44.32 15.43 -13.68
C11 J89 F . -44.90 16.55 -13.13
C12 J89 F . -46.15 16.99 -13.54
C13 J89 F . -46.84 16.31 -14.53
C14 J89 F . -46.26 15.18 -15.08
C15 J89 F . -46.73 18.24 -12.86
C16 J89 F . -48.14 18.71 -13.30
C17 J89 F . -48.45 20.23 -13.26
C18 J89 F . -48.15 20.16 -11.77
O19 J89 F . -49.31 19.69 -11.15
C20 J89 F . -49.88 19.96 -13.72
O21 J89 F . -50.71 20.86 -13.01
O23 J89 F . -50.67 23.41 -12.66
O24 J89 F . -52.66 22.42 -13.66
O25 J89 F . -50.53 22.60 -14.93
N26 J89 F . -47.41 20.35 -14.26
#